data_9DWJ
#
_entry.id   9DWJ
#
_cell.length_a   1.00
_cell.length_b   1.00
_cell.length_c   1.00
_cell.angle_alpha   90.00
_cell.angle_beta   90.00
_cell.angle_gamma   90.00
#
_symmetry.space_group_name_H-M   'P 1'
#
loop_
_entity.id
_entity.type
_entity.pdbx_description
1 polymer 'Histone H3.2'
2 polymer 'Histone H4'
3 polymer 'Histone H2A type 1'
4 polymer 'Histone H2B type 1-C/E/F/G/I'
5 polymer '601 I strand (damaged strand 1)'
6 polymer '601 J strand (non-damaged strand)'
7 polymer '601 K strand (damaged strand 2)'
#
loop_
_entity_poly.entity_id
_entity_poly.type
_entity_poly.pdbx_seq_one_letter_code
_entity_poly.pdbx_strand_id
1 'polypeptide(L)'
;ARTKQTARKSTGGKAPRKQLATKAARKSAPATGGVKKPHRYRPGTVALREIRRYQKSTELLIRKLPFQRLVREIAQDFKT
DLRFQSSAVMALQEASEAYLVGLFEDTNLAAIHAKRVTIMPKDIQLARRIRGERA
;
A,E
2 'polypeptide(L)'
;SGRGKGGKGLGKGGAKRHRKVLRDNIQGITKPAIRRLARRGGVKRISGLIYEETRGVLKVFLENVIRDAVTYTEHAKRKT
VTAMDVVYALKRQGRTLYGFGG
;
B,F
3 'polypeptide(L)'
;SGRGKQGGKARAKAKTRSSRAGLQFPVGRVHRLLRKGNYAERVGAGAPVYLAAVLEYLTAEILELAGNAARDNKKTRIIP
RHLQLAIRNDEELNKLLGKVTIAQGGVLPNIQAVLLPKKTESHHKAKGK
;
C,G
4 'polypeptide(L)'
;PEPAKSAPAPKKGSKKAVTKAQKKDGKKRKRSRKESYSVYVYKVLKQVHPDTGISSKAMGIMNSFVNDIFERIAGEASRL
AHYNKRSTITSREIQTAVRLLLPGELAKHAVSEGTKAVTKYTSSK
;
D,H
5 'polydeoxyribonucleotide'
;(DA)(DT)(DC)(DG)(DA)(DG)(DA)(DA)(DT)(DC)(DC)(DC)(DG)(DG)(DT)(DG)(DC)(DC)(DG)(DA)
(DG)(DG)(DC)(DC)(DG)(DC)(DT)(DC)(DA)(DA)(DT)(DT)(DG)(DG)(DT)(DC)(DG)(DT)(DA)(DG)
(DA)(DC)(DA)(DG)(DC)(DT)(DC)(DT)(DA)(DG)(DC)(DA)(DC)(DC)(DG)(DC)(DT)(DT)(DA)(DA)
(DA)(DC)(DG)(DC)(DA)(DC)(DG)(DT)(DA)(DC)(DG)(DC)(DG)(DC)(DT)(DG)(DT)(DC)(DC)(DC)
(DC)(DC)(DG)(DC)(DG)(DT)(DT)(DT)(DT)(DA)(DA)(DC)(DC)(DG)(DC)(DC)(DA)(DA)(DG)(DG)
(DG)(DG)(DA)(DT)(DT)(DA)
;
I
6 'polydeoxyribonucleotide'
;(DA)(DT)(DC)(DG)(DG)(DA)(DT)(DG)(DT)(DA)(DT)(DA)(DT)(DA)(DT)(DC)(DT)(DG)(DA)(DC)
(DA)(DC)(DG)(DT)(DG)(DC)(DC)(DT)(DG)(DG)(DA)(DG)(DA)(DC)(DT)(DA)(DG)(DG)(DG)(DA)
(DG)(DT)(DA)(DA)(DT)(DC)(DC)(DC)(DC)(DT)(DT)(DG)(DG)(DC)(DG)(DG)(DT)(DT)(DA)(DA)
(DA)(DA)(DC)(DG)(DC)(DG)(DG)(DG)(DG)(DG)(DA)(DC)(DA)(DG)(DC)(DG)(DC)(DG)(DT)(DA)
(DC)(DG)(DT)(DG)(DC)(DG)(DT)(DT)(DT)(DA)(DA)(DG)(DC)(DG)(DG)(DT)(DG)(DC)(DT)(DA)
(DG)(DA)(DG)(DC)(DT)(DG)(DT)(DC)(DT)(DA)(DC)(DG)(DA)(DC)(DC)(DA)(DA)(DT)(DT)(DG)
(DA)(DG)(DC)(DG)(DG)(DC)(DC)(DT)(DC)(DG)(DG)(DC)(DA)(DC)(DC)(DG)(DG)(DG)(DA)(DT)
(DT)(DC)(DT)(DC)(DG)(DA)(DT)
;
J
7 'polydeoxyribonucleotide'
;(DT)(DC)(DC)(DC)(DT)(DA)(DG)(DT)(DC)(DT)(DC)(DC)(DA)(DG)(DG)(DC)(DA)(DC)(DG)(DT)
(DG)(DT)(DC)(DA)(DG)(DA)(DT)(DA)(DT)(DA)(DT)(DC)(DC)(DA)(DT)(DC)(DC)(DG)(DA)(DT)
;
K
#
# COMPACT_ATOMS: atom_id res chain seq x y z
N PRO A 38 -2.53 -52.65 -17.01
CA PRO A 38 -2.70 -51.19 -17.08
C PRO A 38 -1.56 -50.43 -16.44
N HIS A 39 -0.96 -49.50 -17.19
CA HIS A 39 0.14 -48.71 -16.66
C HIS A 39 -0.36 -47.75 -15.59
N ARG A 40 0.34 -47.72 -14.46
CA ARG A 40 -0.10 -46.96 -13.29
C ARG A 40 1.02 -46.01 -12.87
N TYR A 41 0.70 -44.72 -12.81
CA TYR A 41 1.71 -43.70 -12.39
C TYR A 41 1.73 -43.57 -10.87
N ARG A 42 2.92 -43.66 -10.25
CA ARG A 42 3.06 -43.44 -8.82
C ARG A 42 2.48 -42.06 -8.47
N PRO A 43 1.79 -41.93 -7.34
CA PRO A 43 1.17 -40.65 -6.99
C PRO A 43 2.18 -39.51 -6.93
N GLY A 44 1.77 -38.37 -7.48
CA GLY A 44 2.57 -37.16 -7.52
C GLY A 44 3.04 -36.77 -8.90
N THR A 45 3.43 -37.75 -9.73
CA THR A 45 4.08 -37.44 -11.00
C THR A 45 3.16 -36.66 -11.93
N VAL A 46 1.89 -37.06 -12.02
CA VAL A 46 0.95 -36.30 -12.82
C VAL A 46 0.71 -34.93 -12.20
N ALA A 47 0.81 -34.82 -10.87
CA ALA A 47 0.65 -33.52 -10.22
C ALA A 47 1.78 -32.59 -10.63
N LEU A 48 3.02 -33.08 -10.50
CA LEU A 48 4.20 -32.28 -10.89
C LEU A 48 4.08 -31.94 -12.38
N ARG A 49 3.56 -32.88 -13.17
CA ARG A 49 3.36 -32.63 -14.62
C ARG A 49 2.36 -31.50 -14.85
N GLU A 50 1.27 -31.49 -14.08
CA GLU A 50 0.22 -30.43 -14.23
C GLU A 50 0.81 -29.09 -13.80
N ILE A 51 1.63 -29.09 -12.75
CA ILE A 51 2.29 -27.84 -12.33
C ILE A 51 3.12 -27.27 -13.48
N ARG A 52 3.90 -28.13 -14.13
CA ARG A 52 4.74 -27.69 -15.25
C ARG A 52 3.89 -27.19 -16.41
N ARG A 53 2.76 -27.84 -16.65
CA ARG A 53 1.87 -27.41 -17.73
C ARG A 53 1.26 -26.05 -17.42
N TYR A 54 0.70 -25.89 -16.22
CA TYR A 54 -0.08 -24.70 -15.91
C TYR A 54 0.77 -23.50 -15.49
N GLN A 55 2.04 -23.69 -15.17
CA GLN A 55 2.89 -22.52 -15.00
C GLN A 55 3.42 -21.98 -16.31
N LYS A 56 3.27 -22.73 -17.40
CA LYS A 56 3.75 -22.31 -18.70
C LYS A 56 2.67 -21.62 -19.53
N SER A 57 1.40 -21.77 -19.18
CA SER A 57 0.31 -21.21 -19.97
C SER A 57 -0.22 -19.94 -19.34
N THR A 58 -0.98 -19.18 -20.14
CA THR A 58 -1.55 -17.91 -19.71
C THR A 58 -3.08 -17.92 -19.74
N GLU A 59 -3.70 -19.10 -19.82
CA GLU A 59 -5.14 -19.18 -19.99
C GLU A 59 -5.72 -18.81 -18.63
N LEU A 60 -7.06 -18.96 -18.46
CA LEU A 60 -7.70 -18.46 -17.20
C LEU A 60 -8.06 -19.60 -16.24
N LEU A 61 -8.13 -20.86 -16.68
CA LEU A 61 -8.31 -22.03 -15.76
C LEU A 61 -9.65 -22.03 -15.02
N ILE A 62 -10.51 -21.05 -15.24
CA ILE A 62 -11.85 -21.04 -14.68
C ILE A 62 -12.84 -20.78 -15.82
N ARG A 63 -13.89 -21.59 -15.87
CA ARG A 63 -14.91 -21.39 -16.91
C ARG A 63 -15.51 -20.00 -16.79
N LYS A 64 -15.56 -19.29 -17.91
CA LYS A 64 -15.87 -17.86 -17.87
C LYS A 64 -17.35 -17.71 -17.54
N LEU A 65 -18.21 -18.59 -18.06
CA LEU A 65 -19.68 -18.44 -17.82
C LEU A 65 -19.99 -18.54 -16.32
N PRO A 66 -19.61 -19.60 -15.53
CA PRO A 66 -19.83 -19.59 -14.07
C PRO A 66 -19.29 -18.33 -13.37
N PHE A 67 -18.08 -17.88 -13.72
CA PHE A 67 -17.53 -16.72 -13.05
C PHE A 67 -18.36 -15.49 -13.32
N GLN A 68 -18.89 -15.35 -14.53
CA GLN A 68 -19.78 -14.25 -14.84
C GLN A 68 -21.03 -14.31 -13.99
N ARG A 69 -21.61 -15.50 -13.84
CA ARG A 69 -22.79 -15.65 -12.99
C ARG A 69 -22.48 -15.34 -11.54
N LEU A 70 -21.30 -15.75 -11.06
CA LEU A 70 -20.90 -15.42 -9.70
C LEU A 70 -20.75 -13.92 -9.51
N VAL A 71 -20.13 -13.24 -10.48
CA VAL A 71 -19.97 -11.80 -10.39
C VAL A 71 -21.33 -11.11 -10.36
N ARG A 72 -22.25 -11.54 -11.22
CA ARG A 72 -23.57 -10.92 -11.24
C ARG A 72 -24.32 -11.16 -9.94
N GLU A 73 -24.23 -12.38 -9.39
CA GLU A 73 -24.89 -12.67 -8.12
C GLU A 73 -24.32 -11.81 -7.00
N ILE A 74 -23.00 -11.63 -6.96
CA ILE A 74 -22.41 -10.81 -5.91
C ILE A 74 -22.79 -9.35 -6.10
N ALA A 75 -22.82 -8.87 -7.34
CA ALA A 75 -23.20 -7.49 -7.60
C ALA A 75 -24.68 -7.24 -7.38
N GLN A 76 -25.50 -8.29 -7.33
CA GLN A 76 -26.92 -8.12 -7.04
C GLN A 76 -27.17 -7.52 -5.66
N ASP A 77 -26.22 -7.68 -4.73
CA ASP A 77 -26.40 -7.18 -3.37
C ASP A 77 -26.12 -5.69 -3.24
N PHE A 78 -25.58 -5.05 -4.27
CA PHE A 78 -25.21 -3.64 -4.21
C PHE A 78 -26.12 -2.74 -5.04
N LYS A 79 -26.51 -3.17 -6.23
CA LYS A 79 -27.53 -2.47 -7.00
C LYS A 79 -28.24 -3.47 -7.91
N THR A 80 -29.56 -3.39 -7.95
CA THR A 80 -30.33 -4.25 -8.82
C THR A 80 -30.21 -3.75 -10.27
N ASP A 81 -30.13 -4.72 -11.20
CA ASP A 81 -30.07 -4.43 -12.67
C ASP A 81 -28.82 -3.65 -13.05
N LEU A 82 -27.69 -4.10 -12.55
CA LEU A 82 -26.40 -3.52 -12.93
C LEU A 82 -25.87 -4.34 -14.10
N ARG A 83 -25.94 -3.75 -15.30
CA ARG A 83 -25.36 -4.40 -16.47
C ARG A 83 -23.84 -4.43 -16.36
N PHE A 84 -23.25 -5.54 -16.75
CA PHE A 84 -21.81 -5.72 -16.72
C PHE A 84 -21.33 -5.94 -18.15
N GLN A 85 -20.49 -5.04 -18.65
CA GLN A 85 -19.91 -5.29 -19.95
C GLN A 85 -18.82 -6.34 -19.84
N SER A 86 -18.69 -7.15 -20.89
CA SER A 86 -17.87 -8.36 -20.82
C SER A 86 -16.42 -8.05 -20.48
N SER A 87 -15.94 -6.87 -20.88
CA SER A 87 -14.58 -6.47 -20.53
C SER A 87 -14.41 -6.36 -19.02
N ALA A 88 -15.42 -5.84 -18.32
CA ALA A 88 -15.36 -5.75 -16.87
C ALA A 88 -15.30 -7.12 -16.22
N VAL A 89 -16.11 -8.07 -16.70
CA VAL A 89 -16.07 -9.41 -16.15
C VAL A 89 -14.75 -10.10 -16.43
N MET A 90 -14.17 -9.87 -17.61
CA MET A 90 -12.85 -10.44 -17.90
C MET A 90 -11.79 -9.84 -16.98
N ALA A 91 -11.85 -8.53 -16.74
CA ALA A 91 -10.89 -7.90 -15.83
C ALA A 91 -11.02 -8.46 -14.41
N LEU A 92 -12.26 -8.64 -13.95
CA LEU A 92 -12.47 -9.23 -12.64
C LEU A 92 -11.94 -10.65 -12.57
N GLN A 93 -12.13 -11.42 -13.65
CA GLN A 93 -11.64 -12.80 -13.67
C GLN A 93 -10.12 -12.85 -13.59
N GLU A 94 -9.45 -12.02 -14.38
CA GLU A 94 -7.99 -12.00 -14.36
C GLU A 94 -7.46 -11.56 -13.00
N ALA A 95 -8.08 -10.54 -12.40
CA ALA A 95 -7.64 -10.09 -11.08
C ALA A 95 -7.86 -11.17 -10.03
N SER A 96 -9.02 -11.82 -10.04
CA SER A 96 -9.31 -12.85 -9.06
C SER A 96 -8.36 -14.03 -9.18
N GLU A 97 -8.11 -14.45 -10.43
CA GLU A 97 -7.17 -15.58 -10.65
C GLU A 97 -5.80 -15.19 -10.12
N ALA A 98 -5.29 -14.02 -10.52
CA ALA A 98 -3.97 -13.62 -10.06
C ALA A 98 -3.89 -13.60 -8.53
N TYR A 99 -4.94 -13.08 -7.88
CA TYR A 99 -4.96 -13.05 -6.43
C TYR A 99 -4.94 -14.46 -5.84
N LEU A 100 -5.73 -15.36 -6.42
CA LEU A 100 -5.77 -16.73 -5.90
C LEU A 100 -4.46 -17.46 -6.15
N VAL A 101 -3.80 -17.20 -7.28
CA VAL A 101 -2.51 -17.83 -7.53
C VAL A 101 -1.46 -17.34 -6.55
N GLY A 102 -1.45 -16.04 -6.26
CA GLY A 102 -0.54 -15.53 -5.24
C GLY A 102 -0.82 -16.11 -3.87
N LEU A 103 -2.10 -16.20 -3.51
CA LEU A 103 -2.49 -16.81 -2.24
C LEU A 103 -2.05 -18.27 -2.18
N PHE A 104 -2.13 -18.99 -3.30
CA PHE A 104 -1.73 -20.39 -3.29
C PHE A 104 -0.22 -20.54 -3.25
N GLU A 105 0.52 -19.59 -3.82
CA GLU A 105 1.98 -19.59 -3.63
C GLU A 105 2.33 -19.45 -2.16
N ASP A 106 1.72 -18.46 -1.49
CA ASP A 106 2.02 -18.27 -0.07
C ASP A 106 1.51 -19.44 0.78
N THR A 107 0.40 -20.04 0.38
CA THR A 107 -0.10 -21.23 1.08
C THR A 107 0.85 -22.40 0.94
N ASN A 108 1.40 -22.60 -0.24
CA ASN A 108 2.39 -23.68 -0.42
C ASN A 108 3.63 -23.41 0.40
N LEU A 109 4.06 -22.15 0.48
CA LEU A 109 5.19 -21.81 1.33
C LEU A 109 4.89 -22.12 2.79
N ALA A 110 3.68 -21.80 3.25
CA ALA A 110 3.32 -22.10 4.63
C ALA A 110 3.24 -23.60 4.89
N ALA A 111 2.75 -24.36 3.91
CA ALA A 111 2.66 -25.80 4.09
C ALA A 111 4.03 -26.47 4.10
N ILE A 112 4.94 -25.99 3.25
CA ILE A 112 6.30 -26.50 3.28
C ILE A 112 6.99 -26.09 4.57
N HIS A 113 6.63 -24.93 5.13
CA HIS A 113 7.21 -24.48 6.38
C HIS A 113 6.94 -25.44 7.52
N ALA A 114 5.72 -25.98 7.59
CA ALA A 114 5.32 -26.89 8.65
C ALA A 114 5.77 -28.32 8.41
N LYS A 115 6.78 -28.51 7.54
CA LYS A 115 7.28 -29.83 7.17
C LYS A 115 6.16 -30.72 6.64
N ARG A 116 5.33 -30.13 5.77
CA ARG A 116 4.27 -30.85 5.11
C ARG A 116 4.41 -30.68 3.60
N VAL A 117 3.78 -31.59 2.87
CA VAL A 117 3.71 -31.48 1.42
C VAL A 117 2.36 -30.97 0.95
N THR A 118 1.32 -31.31 1.70
CA THR A 118 -0.07 -30.91 1.35
C THR A 118 -0.44 -29.56 1.96
N ILE A 119 -1.07 -28.68 1.19
CA ILE A 119 -1.59 -27.46 1.79
C ILE A 119 -2.88 -27.80 2.52
N MET A 120 -3.15 -27.08 3.60
CA MET A 120 -4.33 -27.24 4.43
C MET A 120 -5.01 -25.89 4.62
N PRO A 121 -6.29 -25.88 5.04
CA PRO A 121 -6.96 -24.59 5.27
C PRO A 121 -6.27 -23.72 6.30
N LYS A 122 -5.61 -24.31 7.30
CA LYS A 122 -4.88 -23.50 8.26
C LYS A 122 -3.71 -22.78 7.61
N ASP A 123 -3.12 -23.38 6.56
CA ASP A 123 -2.09 -22.68 5.81
C ASP A 123 -2.65 -21.45 5.11
N ILE A 124 -3.85 -21.58 4.53
CA ILE A 124 -4.49 -20.43 3.88
C ILE A 124 -4.78 -19.35 4.91
N GLN A 125 -5.27 -19.75 6.08
CA GLN A 125 -5.57 -18.78 7.12
C GLN A 125 -4.30 -18.07 7.60
N LEU A 126 -3.21 -18.80 7.78
CA LEU A 126 -1.95 -18.18 8.16
C LEU A 126 -1.46 -17.21 7.10
N ALA A 127 -1.53 -17.61 5.82
CA ALA A 127 -1.09 -16.72 4.76
C ALA A 127 -1.92 -15.45 4.73
N ARG A 128 -3.24 -15.59 4.85
CA ARG A 128 -4.11 -14.42 4.82
C ARG A 128 -3.86 -13.51 6.01
N ARG A 129 -3.61 -14.07 7.19
CA ARG A 129 -3.38 -13.23 8.34
C ARG A 129 -2.07 -12.48 8.20
N ILE A 130 -1.00 -13.17 7.81
CA ILE A 130 0.31 -12.54 7.73
C ILE A 130 0.31 -11.47 6.63
N ARG A 131 -0.32 -11.75 5.49
CA ARG A 131 -0.44 -10.74 4.46
C ARG A 131 -1.26 -9.54 4.94
N GLY A 132 -2.17 -9.75 5.88
CA GLY A 132 -2.94 -8.68 6.47
C GLY A 132 -4.42 -8.67 6.13
N GLU A 133 -4.93 -9.71 5.48
CA GLU A 133 -6.33 -9.68 5.05
C GLU A 133 -7.29 -9.91 6.20
N ARG A 134 -6.94 -10.79 7.14
CA ARG A 134 -7.82 -11.08 8.26
C ARG A 134 -7.53 -10.15 9.44
N ASP B 24 -26.40 -19.47 -5.10
CA ASP B 24 -25.39 -20.58 -5.02
C ASP B 24 -24.60 -20.77 -6.33
N ASN B 25 -24.01 -19.69 -6.86
CA ASN B 25 -23.12 -19.79 -8.05
C ASN B 25 -21.66 -19.99 -7.64
N ILE B 26 -21.27 -19.69 -6.42
CA ILE B 26 -19.92 -20.04 -5.88
C ILE B 26 -19.63 -21.51 -6.13
N GLN B 27 -20.63 -22.39 -6.10
CA GLN B 27 -20.36 -23.78 -6.45
C GLN B 27 -19.92 -23.95 -7.90
N GLY B 28 -20.10 -22.93 -8.74
CA GLY B 28 -19.60 -22.97 -10.09
C GLY B 28 -18.09 -22.89 -10.18
N ILE B 29 -17.44 -22.43 -9.12
CA ILE B 29 -15.99 -22.50 -9.03
C ILE B 29 -15.65 -23.92 -8.59
N THR B 30 -15.54 -24.83 -9.54
CA THR B 30 -15.53 -26.24 -9.24
C THR B 30 -14.24 -26.66 -8.56
N LYS B 31 -14.23 -27.88 -8.04
CA LYS B 31 -13.02 -28.44 -7.47
C LYS B 31 -11.87 -28.52 -8.48
N PRO B 32 -12.05 -28.98 -9.72
CA PRO B 32 -10.93 -28.94 -10.67
C PRO B 32 -10.41 -27.54 -10.96
N ALA B 33 -11.26 -26.52 -10.92
CA ALA B 33 -10.76 -25.16 -11.16
C ALA B 33 -9.84 -24.70 -10.05
N ILE B 34 -10.23 -24.93 -8.80
CA ILE B 34 -9.37 -24.59 -7.68
C ILE B 34 -8.11 -25.43 -7.71
N ARG B 35 -8.24 -26.69 -8.12
CA ARG B 35 -7.07 -27.55 -8.26
C ARG B 35 -6.11 -27.00 -9.30
N ARG B 36 -6.65 -26.51 -10.42
CA ARG B 36 -5.82 -25.94 -11.47
C ARG B 36 -5.10 -24.68 -10.98
N LEU B 37 -5.81 -23.83 -10.22
CA LEU B 37 -5.18 -22.65 -9.65
C LEU B 37 -4.08 -23.03 -8.67
N ALA B 38 -4.31 -24.08 -7.88
CA ALA B 38 -3.27 -24.54 -6.96
C ALA B 38 -2.07 -25.09 -7.71
N ARG B 39 -2.31 -25.79 -8.82
CA ARG B 39 -1.20 -26.30 -9.63
C ARG B 39 -0.40 -25.17 -10.24
N ARG B 40 -1.06 -24.13 -10.74
CA ARG B 40 -0.32 -22.97 -11.22
C ARG B 40 0.44 -22.29 -10.09
N GLY B 41 -0.13 -22.25 -8.89
CA GLY B 41 0.62 -21.73 -7.77
C GLY B 41 1.76 -22.61 -7.30
N GLY B 42 1.81 -23.86 -7.77
CA GLY B 42 2.91 -24.74 -7.46
C GLY B 42 2.66 -25.64 -6.27
N VAL B 43 1.45 -26.20 -6.20
CA VAL B 43 1.05 -27.04 -5.07
C VAL B 43 0.96 -28.48 -5.56
N LYS B 44 1.60 -29.39 -4.83
CA LYS B 44 1.67 -30.80 -5.22
C LYS B 44 0.56 -31.65 -4.64
N ARG B 45 0.14 -31.32 -3.41
CA ARG B 45 -0.96 -32.08 -2.74
C ARG B 45 -1.95 -31.08 -2.14
N ILE B 46 -3.25 -31.28 -2.33
CA ILE B 46 -4.27 -30.35 -1.89
C ILE B 46 -5.24 -31.08 -0.97
N SER B 47 -5.48 -30.51 0.20
CA SER B 47 -6.46 -31.09 1.11
C SER B 47 -7.87 -30.85 0.62
N GLY B 48 -8.80 -31.68 1.08
CA GLY B 48 -10.17 -31.59 0.60
C GLY B 48 -10.88 -30.33 1.05
N LEU B 49 -10.53 -29.84 2.25
CA LEU B 49 -11.27 -28.72 2.83
C LEU B 49 -11.06 -27.44 2.05
N ILE B 50 -9.91 -27.30 1.39
CA ILE B 50 -9.50 -26.08 0.70
C ILE B 50 -10.53 -25.65 -0.33
N TYR B 51 -11.12 -26.63 -1.03
CA TYR B 51 -12.06 -26.32 -2.09
C TYR B 51 -13.29 -25.58 -1.57
N GLU B 52 -13.54 -25.64 -0.26
CA GLU B 52 -14.54 -24.74 0.29
C GLU B 52 -13.92 -23.41 0.70
N GLU B 53 -12.81 -23.46 1.45
CA GLU B 53 -12.20 -22.25 1.98
C GLU B 53 -11.87 -21.26 0.88
N THR B 54 -11.20 -21.74 -0.18
CA THR B 54 -10.85 -20.89 -1.30
C THR B 54 -12.08 -20.18 -1.85
N ARG B 55 -13.18 -20.92 -2.03
CA ARG B 55 -14.41 -20.30 -2.52
C ARG B 55 -14.80 -19.12 -1.64
N GLY B 56 -14.87 -19.35 -0.32
CA GLY B 56 -15.17 -18.25 0.58
C GLY B 56 -14.17 -17.12 0.41
N VAL B 57 -12.88 -17.46 0.38
CA VAL B 57 -11.85 -16.44 0.17
C VAL B 57 -12.13 -15.68 -1.11
N LEU B 58 -12.36 -16.41 -2.19
CA LEU B 58 -12.63 -15.77 -3.47
C LEU B 58 -13.83 -14.85 -3.34
N LYS B 59 -14.90 -15.36 -2.71
CA LYS B 59 -16.10 -14.57 -2.56
C LYS B 59 -15.79 -13.24 -1.89
N VAL B 60 -15.05 -13.30 -0.78
CA VAL B 60 -14.74 -12.08 -0.05
C VAL B 60 -14.04 -11.11 -0.96
N PHE B 61 -13.01 -11.58 -1.67
CA PHE B 61 -12.24 -10.71 -2.54
C PHE B 61 -13.15 -10.07 -3.58
N LEU B 62 -14.01 -10.88 -4.20
CA LEU B 62 -14.88 -10.34 -5.24
C LEU B 62 -15.77 -9.26 -4.66
N GLU B 63 -16.33 -9.52 -3.48
CA GLU B 63 -17.16 -8.50 -2.84
C GLU B 63 -16.38 -7.22 -2.65
N ASN B 64 -15.17 -7.34 -2.07
CA ASN B 64 -14.38 -6.16 -1.76
C ASN B 64 -14.03 -5.39 -3.03
N VAL B 65 -13.97 -6.08 -4.17
CA VAL B 65 -13.74 -5.36 -5.41
C VAL B 65 -15.06 -4.79 -5.92
N ILE B 66 -16.09 -5.64 -6.04
CA ILE B 66 -17.24 -5.27 -6.84
C ILE B 66 -17.96 -4.08 -6.23
N ARG B 67 -18.11 -4.08 -4.90
CA ARG B 67 -18.65 -2.93 -4.20
C ARG B 67 -18.00 -1.64 -4.66
N ASP B 68 -16.66 -1.58 -4.57
CA ASP B 68 -15.97 -0.35 -4.98
C ASP B 68 -16.24 -0.04 -6.44
N ALA B 69 -16.20 -1.06 -7.30
CA ALA B 69 -16.53 -0.85 -8.70
C ALA B 69 -17.93 -0.28 -8.83
N VAL B 70 -18.90 -0.89 -8.13
CA VAL B 70 -20.27 -0.40 -8.17
C VAL B 70 -20.31 1.04 -7.67
N THR B 71 -19.54 1.34 -6.63
CA THR B 71 -19.53 2.70 -6.10
C THR B 71 -19.10 3.69 -7.18
N TYR B 72 -18.06 3.35 -7.94
CA TYR B 72 -17.65 4.20 -9.05
C TYR B 72 -18.78 4.32 -10.05
N THR B 73 -19.42 3.20 -10.37
CA THR B 73 -20.56 3.22 -11.28
C THR B 73 -21.70 4.04 -10.71
N GLU B 74 -21.86 4.03 -9.38
CA GLU B 74 -22.91 4.85 -8.78
C GLU B 74 -22.59 6.34 -8.91
N HIS B 75 -21.31 6.69 -8.92
CA HIS B 75 -20.97 8.10 -8.94
C HIS B 75 -21.22 8.70 -10.32
N ALA B 76 -20.86 7.99 -11.38
CA ALA B 76 -20.99 8.49 -12.74
C ALA B 76 -22.39 8.39 -13.28
N LYS B 77 -23.36 8.02 -12.45
CA LYS B 77 -24.77 7.88 -12.85
C LYS B 77 -24.92 6.94 -14.03
N ARG B 78 -24.26 5.79 -13.93
CA ARG B 78 -24.40 4.72 -14.91
C ARG B 78 -25.07 3.53 -14.28
N LYS B 79 -25.71 2.73 -15.13
CA LYS B 79 -26.24 1.44 -14.73
C LYS B 79 -25.45 0.29 -15.35
N THR B 80 -24.32 0.58 -15.98
CA THR B 80 -23.45 -0.42 -16.56
C THR B 80 -22.06 -0.31 -15.95
N VAL B 81 -21.56 -1.43 -15.43
CA VAL B 81 -20.25 -1.46 -14.77
C VAL B 81 -19.20 -1.65 -15.86
N THR B 82 -18.49 -0.58 -16.20
CA THR B 82 -17.47 -0.67 -17.23
C THR B 82 -16.21 -1.33 -16.66
N ALA B 83 -15.31 -1.69 -17.56
CA ALA B 83 -14.05 -2.31 -17.14
C ALA B 83 -13.18 -1.31 -16.40
N MET B 84 -13.28 -0.04 -16.76
CA MET B 84 -12.46 0.98 -16.11
C MET B 84 -12.86 1.14 -14.65
N ASP B 85 -14.15 0.95 -14.33
CA ASP B 85 -14.55 0.95 -12.92
C ASP B 85 -13.86 -0.16 -12.16
N VAL B 86 -13.77 -1.35 -12.75
CA VAL B 86 -13.08 -2.47 -12.11
C VAL B 86 -11.60 -2.15 -11.96
N VAL B 87 -11.01 -1.50 -12.97
CA VAL B 87 -9.60 -1.15 -12.91
C VAL B 87 -9.33 -0.18 -11.76
N TYR B 88 -10.19 0.83 -11.61
CA TYR B 88 -10.00 1.77 -10.50
C TYR B 88 -10.28 1.12 -9.15
N ALA B 89 -11.27 0.22 -9.09
CA ALA B 89 -11.55 -0.46 -7.84
C ALA B 89 -10.41 -1.37 -7.43
N LEU B 90 -9.71 -1.96 -8.40
CA LEU B 90 -8.53 -2.75 -8.11
C LEU B 90 -7.34 -1.88 -7.71
N LYS B 91 -7.17 -0.75 -8.39
CA LYS B 91 -6.07 0.15 -8.06
C LYS B 91 -6.24 0.71 -6.65
N ARG B 92 -7.49 0.91 -6.22
CA ARG B 92 -7.75 1.38 -4.86
C ARG B 92 -7.27 0.38 -3.81
N GLN B 93 -7.42 -0.90 -4.08
CA GLN B 93 -7.06 -1.94 -3.13
C GLN B 93 -5.61 -2.39 -3.24
N GLY B 94 -4.79 -1.68 -4.00
CA GLY B 94 -3.39 -1.98 -4.11
C GLY B 94 -3.01 -3.05 -5.10
N ARG B 95 -3.97 -3.61 -5.83
CA ARG B 95 -3.69 -4.57 -6.89
C ARG B 95 -3.95 -3.88 -8.22
N THR B 96 -2.92 -3.21 -8.74
CA THR B 96 -3.02 -2.58 -10.05
C THR B 96 -3.15 -3.65 -11.12
N LEU B 97 -3.95 -3.37 -12.15
CA LEU B 97 -4.17 -4.31 -13.24
C LEU B 97 -3.81 -3.64 -14.56
N TYR B 98 -2.91 -4.27 -15.30
CA TYR B 98 -2.48 -3.76 -16.59
C TYR B 98 -3.15 -4.54 -17.71
N GLY B 99 -3.54 -3.83 -18.76
CA GLY B 99 -4.06 -4.51 -19.94
C GLY B 99 -5.46 -4.10 -20.33
N PHE B 100 -6.13 -3.35 -19.46
CA PHE B 100 -7.49 -2.93 -19.71
C PHE B 100 -7.69 -1.43 -19.69
N GLY B 101 -6.70 -0.66 -19.25
CA GLY B 101 -6.81 0.79 -19.22
C GLY B 101 -5.69 1.46 -18.45
N ALA C 12 -22.23 43.61 7.84
CA ALA C 12 -23.45 42.90 8.23
C ALA C 12 -23.17 41.91 9.37
N LYS C 13 -23.98 40.85 9.52
CA LYS C 13 -23.78 39.92 10.66
C LYS C 13 -23.20 38.59 10.16
N ALA C 14 -22.28 37.99 10.93
CA ALA C 14 -21.64 36.74 10.45
C ALA C 14 -21.94 35.52 11.32
N LYS C 15 -22.77 34.62 10.83
CA LYS C 15 -22.98 33.31 11.48
C LYS C 15 -22.04 32.39 10.72
N THR C 16 -20.88 32.10 11.27
CA THR C 16 -19.89 31.22 10.67
C THR C 16 -20.55 30.00 10.03
N ARG C 17 -19.90 29.48 8.98
CA ARG C 17 -20.46 28.35 8.27
C ARG C 17 -20.51 27.10 9.13
N SER C 18 -19.61 26.98 10.10
CA SER C 18 -19.65 25.84 11.02
C SER C 18 -20.92 25.86 11.85
N SER C 19 -21.29 27.04 12.37
CA SER C 19 -22.53 27.16 13.12
C SER C 19 -23.75 27.08 12.23
N ARG C 20 -23.62 27.56 10.98
CA ARG C 20 -24.72 27.46 10.03
C ARG C 20 -25.05 26.00 9.73
N ALA C 21 -24.03 25.18 9.52
CA ALA C 21 -24.22 23.76 9.27
C ALA C 21 -24.34 22.94 10.55
N GLY C 22 -24.12 23.55 11.71
CA GLY C 22 -24.24 22.84 12.96
C GLY C 22 -23.05 22.00 13.35
N LEU C 23 -21.90 22.21 12.72
CA LEU C 23 -20.71 21.41 13.01
C LEU C 23 -19.79 22.15 13.96
N GLN C 24 -18.88 21.39 14.57
CA GLN C 24 -17.82 21.96 15.38
C GLN C 24 -16.53 22.18 14.60
N PHE C 25 -16.27 21.35 13.60
CA PHE C 25 -15.10 21.53 12.76
C PHE C 25 -15.28 22.75 11.86
N PRO C 26 -14.17 23.38 11.44
CA PRO C 26 -14.29 24.59 10.63
C PRO C 26 -14.66 24.25 9.18
N VAL C 27 -15.68 24.92 8.67
CA VAL C 27 -16.03 24.77 7.27
C VAL C 27 -15.17 25.66 6.40
N GLY C 28 -14.87 26.88 6.86
CA GLY C 28 -14.02 27.77 6.10
C GLY C 28 -12.61 27.25 5.95
N ARG C 29 -12.04 26.70 7.02
CA ARG C 29 -10.69 26.17 6.95
C ARG C 29 -10.61 24.97 6.01
N VAL C 30 -11.59 24.08 6.08
CA VAL C 30 -11.60 22.92 5.19
C VAL C 30 -11.79 23.36 3.75
N HIS C 31 -12.63 24.37 3.51
CA HIS C 31 -12.79 24.92 2.17
C HIS C 31 -11.48 25.51 1.66
N ARG C 32 -10.78 26.25 2.51
CA ARG C 32 -9.52 26.84 2.10
C ARG C 32 -8.47 25.77 1.80
N LEU C 33 -8.42 24.71 2.61
CA LEU C 33 -7.46 23.64 2.36
C LEU C 33 -7.81 22.86 1.10
N LEU C 34 -9.10 22.73 0.78
CA LEU C 34 -9.48 22.10 -0.47
C LEU C 34 -9.12 22.98 -1.66
N ARG C 35 -9.24 24.30 -1.52
CA ARG C 35 -8.91 25.20 -2.63
C ARG C 35 -7.41 25.30 -2.85
N LYS C 36 -6.62 25.33 -1.78
CA LYS C 36 -5.18 25.48 -1.88
C LYS C 36 -4.46 24.15 -2.04
N GLY C 37 -5.18 23.04 -1.94
CA GLY C 37 -4.56 21.70 -2.03
C GLY C 37 -4.47 21.20 -3.46
N ASN C 38 -4.91 22.02 -4.42
CA ASN C 38 -4.82 21.66 -5.87
C ASN C 38 -5.47 20.31 -6.15
N TYR C 39 -6.53 19.97 -5.42
CA TYR C 39 -7.25 18.73 -5.69
C TYR C 39 -8.12 18.84 -6.93
N ALA C 40 -8.68 20.02 -7.20
CA ALA C 40 -9.47 20.23 -8.40
C ALA C 40 -9.53 21.72 -8.69
N GLU C 41 -10.00 22.05 -9.90
CA GLU C 41 -10.05 23.43 -10.33
C GLU C 41 -11.03 24.25 -9.50
N ARG C 42 -12.21 23.69 -9.23
CA ARG C 42 -13.22 24.39 -8.46
C ARG C 42 -13.71 23.50 -7.33
N VAL C 43 -14.22 24.13 -6.27
CA VAL C 43 -14.69 23.44 -5.09
C VAL C 43 -16.13 23.84 -4.84
N GLY C 44 -17.01 22.84 -4.69
CA GLY C 44 -18.41 23.11 -4.47
C GLY C 44 -18.67 23.72 -3.10
N ALA C 45 -19.87 24.25 -2.94
CA ALA C 45 -20.24 24.90 -1.68
C ALA C 45 -20.52 23.89 -0.59
N GLY C 46 -21.14 22.75 -0.93
CA GLY C 46 -21.46 21.74 0.04
C GLY C 46 -20.34 20.76 0.34
N ALA C 47 -19.30 20.74 -0.47
CA ALA C 47 -18.17 19.83 -0.23
C ALA C 47 -17.44 20.12 1.07
N PRO C 48 -17.07 21.36 1.42
CA PRO C 48 -16.44 21.58 2.73
C PRO C 48 -17.36 21.23 3.87
N VAL C 49 -18.67 21.47 3.75
CA VAL C 49 -19.59 21.11 4.82
C VAL C 49 -19.62 19.60 5.00
N TYR C 50 -19.69 18.86 3.90
CA TYR C 50 -19.68 17.41 3.98
C TYR C 50 -18.39 16.88 4.59
N LEU C 51 -17.24 17.42 4.15
CA LEU C 51 -15.97 16.93 4.64
C LEU C 51 -15.76 17.26 6.11
N ALA C 52 -16.17 18.46 6.52
CA ALA C 52 -16.09 18.82 7.93
C ALA C 52 -16.99 17.94 8.78
N ALA C 53 -18.18 17.61 8.26
CA ALA C 53 -19.07 16.71 9.00
C ALA C 53 -18.45 15.33 9.16
N VAL C 54 -17.84 14.80 8.10
CA VAL C 54 -17.23 13.48 8.18
C VAL C 54 -16.05 13.50 9.16
N LEU C 55 -15.22 14.54 9.08
CA LEU C 55 -14.07 14.64 10.00
C LEU C 55 -14.53 14.75 11.44
N GLU C 56 -15.57 15.55 11.70
CA GLU C 56 -16.08 15.69 13.06
C GLU C 56 -16.64 14.38 13.57
N TYR C 57 -17.37 13.64 12.73
CA TYR C 57 -17.90 12.35 13.17
C TYR C 57 -16.79 11.37 13.49
N LEU C 58 -15.77 11.31 12.64
CA LEU C 58 -14.68 10.37 12.88
C LEU C 58 -13.90 10.73 14.14
N THR C 59 -13.67 12.03 14.36
CA THR C 59 -13.00 12.46 15.58
C THR C 59 -13.82 12.10 16.81
N ALA C 60 -15.15 12.28 16.73
CA ALA C 60 -16.01 11.90 17.85
C ALA C 60 -15.95 10.39 18.09
N GLU C 61 -15.90 9.61 17.00
CA GLU C 61 -15.87 8.16 17.15
C GLU C 61 -14.56 7.69 17.80
N ILE C 62 -13.44 8.31 17.44
CA ILE C 62 -12.19 8.01 18.13
C ILE C 62 -12.27 8.44 19.59
N LEU C 63 -12.79 9.64 19.85
CA LEU C 63 -12.68 10.22 21.18
C LEU C 63 -13.60 9.53 22.18
N GLU C 64 -14.76 9.05 21.74
CA GLU C 64 -15.64 8.32 22.65
C GLU C 64 -14.97 7.06 23.17
N LEU C 65 -14.42 6.25 22.26
CA LEU C 65 -13.76 5.03 22.67
C LEU C 65 -12.49 5.32 23.45
N ALA C 66 -11.77 6.40 23.11
CA ALA C 66 -10.59 6.78 23.88
C ALA C 66 -10.96 7.15 25.31
N GLY C 67 -12.04 7.91 25.49
CA GLY C 67 -12.49 8.24 26.83
C GLY C 67 -12.95 7.02 27.61
N ASN C 68 -13.63 6.09 26.94
CA ASN C 68 -14.04 4.86 27.62
C ASN C 68 -12.83 4.04 28.04
N ALA C 69 -11.81 3.95 27.20
CA ALA C 69 -10.60 3.22 27.56
C ALA C 69 -9.85 3.92 28.69
N ALA C 70 -9.85 5.25 28.69
CA ALA C 70 -9.26 6.00 29.80
C ALA C 70 -10.00 5.74 31.10
N ARG C 71 -11.32 5.65 31.04
CA ARG C 71 -12.10 5.28 32.21
C ARG C 71 -11.72 3.89 32.70
N ASP C 72 -11.55 2.94 31.77
CA ASP C 72 -11.12 1.61 32.15
C ASP C 72 -9.74 1.58 32.81
N ASN C 73 -8.94 2.63 32.58
CA ASN C 73 -7.57 2.71 33.16
C ASN C 73 -7.57 3.62 34.40
N LYS C 74 -8.74 4.10 34.80
CA LYS C 74 -8.87 5.03 35.93
C LYS C 74 -8.04 6.31 35.74
N LYS C 75 -7.99 6.81 34.52
CA LYS C 75 -7.30 8.04 34.20
C LYS C 75 -8.28 8.98 33.50
N THR C 76 -8.30 10.25 33.92
CA THR C 76 -9.22 11.18 33.28
C THR C 76 -8.69 11.65 31.93
N ARG C 77 -7.38 11.70 31.76
CA ARG C 77 -6.80 12.21 30.53
C ARG C 77 -6.59 11.09 29.52
N ILE C 78 -6.57 11.47 28.25
CA ILE C 78 -6.41 10.54 27.15
C ILE C 78 -4.95 10.58 26.70
N ILE C 79 -4.29 9.44 26.79
CA ILE C 79 -2.87 9.31 26.43
C ILE C 79 -2.81 8.49 25.15
N PRO C 80 -1.67 8.46 24.44
CA PRO C 80 -1.61 7.66 23.22
C PRO C 80 -1.92 6.19 23.39
N ARG C 81 -1.66 5.63 24.58
CA ARG C 81 -2.02 4.23 24.82
C ARG C 81 -3.54 4.04 24.73
N HIS C 82 -4.30 5.00 25.26
CA HIS C 82 -5.75 4.91 25.15
C HIS C 82 -6.21 5.01 23.71
N LEU C 83 -5.58 5.88 22.91
CA LEU C 83 -5.94 5.95 21.50
C LEU C 83 -5.62 4.66 20.78
N GLN C 84 -4.47 4.06 21.06
CA GLN C 84 -4.13 2.79 20.42
C GLN C 84 -5.09 1.68 20.83
N LEU C 85 -5.46 1.65 22.12
CA LEU C 85 -6.43 0.65 22.58
C LEU C 85 -7.78 0.84 21.89
N ALA C 86 -8.24 2.09 21.79
CA ALA C 86 -9.53 2.37 21.17
C ALA C 86 -9.51 2.02 19.69
N ILE C 87 -8.41 2.31 19.00
CA ILE C 87 -8.34 2.03 17.57
C ILE C 87 -8.25 0.54 17.32
N ARG C 88 -7.39 -0.17 18.07
CA ARG C 88 -7.18 -1.58 17.81
C ARG C 88 -8.33 -2.45 18.30
N ASN C 89 -9.07 -2.00 19.31
CA ASN C 89 -10.17 -2.80 19.82
C ASN C 89 -11.38 -2.75 18.90
N ASP C 90 -11.66 -1.59 18.30
CA ASP C 90 -12.80 -1.48 17.40
C ASP C 90 -12.47 -2.18 16.10
N GLU C 91 -13.47 -2.81 15.49
CA GLU C 91 -13.26 -3.54 14.25
C GLU C 91 -13.00 -2.59 13.08
N GLU C 92 -13.98 -1.73 12.78
CA GLU C 92 -13.91 -0.90 11.59
C GLU C 92 -12.83 0.16 11.69
N LEU C 93 -12.59 0.70 12.89
CA LEU C 93 -11.52 1.67 13.04
C LEU C 93 -10.15 1.02 12.89
N ASN C 94 -10.01 -0.23 13.33
CA ASN C 94 -8.76 -0.94 13.10
C ASN C 94 -8.57 -1.22 11.62
N LYS C 95 -9.66 -1.52 10.91
CA LYS C 95 -9.57 -1.71 9.46
C LYS C 95 -9.19 -0.41 8.76
N LEU C 96 -9.72 0.71 9.23
CA LEU C 96 -9.40 2.01 8.62
C LEU C 96 -7.96 2.40 8.87
N LEU C 97 -7.40 1.99 10.01
CA LEU C 97 -6.05 2.39 10.42
C LEU C 97 -5.15 1.17 10.54
N GLY C 98 -5.28 0.24 9.59
CA GLY C 98 -4.46 -0.96 9.65
C GLY C 98 -3.01 -0.71 9.32
N LYS C 99 -2.73 0.34 8.56
CA LYS C 99 -1.38 0.70 8.14
C LYS C 99 -0.90 1.97 8.84
N VAL C 100 -1.26 2.13 10.11
CA VAL C 100 -1.00 3.34 10.85
C VAL C 100 -0.37 2.97 12.19
N THR C 101 0.74 3.62 12.52
CA THR C 101 1.42 3.43 13.79
C THR C 101 1.16 4.68 14.62
N ILE C 102 0.66 4.45 15.84
CA ILE C 102 0.43 5.57 16.81
C ILE C 102 1.63 5.58 17.75
N ALA C 103 2.41 6.65 17.73
CA ALA C 103 3.62 6.73 18.54
C ALA C 103 3.32 6.70 20.03
N GLN C 104 4.18 6.03 20.79
CA GLN C 104 3.97 5.80 22.23
C GLN C 104 2.62 5.14 22.50
N GLY C 105 2.24 4.21 21.64
CA GLY C 105 0.94 3.59 21.75
C GLY C 105 0.99 2.15 22.24
N GLY C 106 2.17 1.55 22.21
CA GLY C 106 2.29 0.18 22.65
C GLY C 106 1.59 -0.77 21.69
N VAL C 107 1.21 -1.94 22.21
CA VAL C 107 0.49 -2.94 21.44
C VAL C 107 -0.69 -3.43 22.26
N LEU C 108 -1.58 -4.15 21.59
CA LEU C 108 -2.72 -4.75 22.25
C LEU C 108 -2.28 -5.98 23.03
N PRO C 109 -2.65 -6.09 24.31
CA PRO C 109 -2.26 -7.28 25.09
C PRO C 109 -2.89 -8.54 24.52
N ASN C 110 -2.03 -9.44 24.04
CA ASN C 110 -2.48 -10.64 23.35
C ASN C 110 -1.40 -11.71 23.50
N ILE C 111 -1.75 -12.82 24.13
CA ILE C 111 -0.86 -13.97 24.29
C ILE C 111 -1.52 -15.16 23.61
N GLN C 112 -0.77 -15.84 22.75
CA GLN C 112 -1.29 -17.01 22.06
C GLN C 112 -1.59 -18.12 23.06
N ALA C 113 -2.67 -18.85 22.81
CA ALA C 113 -3.11 -19.89 23.72
C ALA C 113 -2.14 -21.07 23.79
N VAL C 114 -1.31 -21.26 22.75
CA VAL C 114 -0.33 -22.34 22.78
C VAL C 114 0.73 -22.07 23.84
N LEU C 115 1.15 -20.81 23.98
CA LEU C 115 2.20 -20.45 24.93
C LEU C 115 1.72 -20.52 26.37
N LEU C 116 0.41 -20.55 26.60
CA LEU C 116 -0.11 -20.62 27.95
C LEU C 116 0.24 -21.97 28.59
N PRO C 117 0.55 -21.99 29.88
CA PRO C 117 0.88 -23.24 30.54
C PRO C 117 -0.33 -24.14 30.71
N SER D 32 6.42 32.24 12.11
CA SER D 32 5.24 31.78 11.38
C SER D 32 4.26 31.09 12.32
N ARG D 33 2.97 31.35 12.12
CA ARG D 33 1.92 30.74 12.93
C ARG D 33 1.51 29.42 12.30
N LYS D 34 1.54 28.34 13.09
CA LYS D 34 1.15 27.02 12.62
C LYS D 34 -0.30 26.74 12.97
N GLU D 35 -1.05 26.24 11.99
CA GLU D 35 -2.45 25.88 12.19
C GLU D 35 -2.56 24.43 12.65
N SER D 36 -3.66 24.13 13.35
CA SER D 36 -3.91 22.78 13.83
C SER D 36 -5.39 22.64 14.14
N TYR D 37 -5.82 21.40 14.33
CA TYR D 37 -7.19 21.09 14.71
C TYR D 37 -7.34 20.89 16.21
N SER D 38 -6.54 21.58 17.02
CA SER D 38 -6.55 21.34 18.46
C SER D 38 -7.86 21.79 19.09
N VAL D 39 -8.29 23.02 18.77
CA VAL D 39 -9.50 23.56 19.40
C VAL D 39 -10.73 22.76 19.02
N TYR D 40 -10.79 22.30 17.77
CA TYR D 40 -11.95 21.57 17.29
C TYR D 40 -12.02 20.18 17.93
N VAL D 41 -10.88 19.50 18.02
CA VAL D 41 -10.83 18.20 18.68
C VAL D 41 -11.19 18.35 20.15
N TYR D 42 -10.72 19.45 20.77
CA TYR D 42 -11.07 19.69 22.19
C TYR D 42 -12.57 19.92 22.34
N LYS D 43 -13.18 20.68 21.42
CA LYS D 43 -14.62 20.90 21.48
C LYS D 43 -15.38 19.60 21.33
N VAL D 44 -14.97 18.75 20.39
CA VAL D 44 -15.65 17.47 20.18
C VAL D 44 -15.48 16.58 21.40
N LEU D 45 -14.28 16.58 22.00
CA LEU D 45 -14.02 15.78 23.19
C LEU D 45 -14.91 16.22 24.35
N LYS D 46 -15.04 17.52 24.56
CA LYS D 46 -15.90 18.01 25.64
C LYS D 46 -17.36 17.72 25.35
N GLN D 47 -17.76 17.76 24.08
CA GLN D 47 -19.12 17.39 23.71
C GLN D 47 -19.41 15.91 23.94
N VAL D 48 -18.41 15.05 23.80
CA VAL D 48 -18.62 13.62 23.93
C VAL D 48 -18.41 13.19 25.37
N HIS D 49 -17.26 13.55 25.94
CA HIS D 49 -16.95 13.27 27.35
C HIS D 49 -16.77 14.59 28.07
N PRO D 50 -17.76 15.05 28.84
CA PRO D 50 -17.65 16.38 29.47
C PRO D 50 -16.51 16.50 30.46
N ASP D 51 -16.10 15.40 31.10
CA ASP D 51 -15.12 15.45 32.18
C ASP D 51 -13.85 14.66 31.87
N THR D 52 -13.39 14.68 30.62
CA THR D 52 -12.22 13.94 30.19
C THR D 52 -11.23 14.89 29.53
N GLY D 53 -9.97 14.82 29.96
CA GLY D 53 -8.91 15.61 29.38
C GLY D 53 -8.18 14.85 28.28
N ILE D 54 -7.13 15.48 27.76
CA ILE D 54 -6.34 14.90 26.67
C ILE D 54 -4.92 15.46 26.76
N SER D 55 -3.94 14.58 26.56
CA SER D 55 -2.55 14.99 26.65
C SER D 55 -2.07 15.60 25.35
N SER D 56 -0.89 16.24 25.41
CA SER D 56 -0.33 16.88 24.23
C SER D 56 0.01 15.86 23.15
N LYS D 57 0.56 14.72 23.55
CA LYS D 57 0.90 13.68 22.59
C LYS D 57 -0.35 13.17 21.88
N ALA D 58 -1.42 12.92 22.65
CA ALA D 58 -2.66 12.47 22.06
C ALA D 58 -3.28 13.54 21.18
N MET D 59 -3.13 14.81 21.55
CA MET D 59 -3.65 15.88 20.70
C MET D 59 -2.90 15.94 19.38
N GLY D 60 -1.58 15.74 19.41
CA GLY D 60 -0.82 15.68 18.18
C GLY D 60 -1.21 14.49 17.33
N ILE D 61 -1.49 13.35 17.96
CA ILE D 61 -1.94 12.18 17.21
C ILE D 61 -3.30 12.44 16.58
N MET D 62 -4.19 13.13 17.28
CA MET D 62 -5.48 13.46 16.70
C MET D 62 -5.35 14.44 15.55
N ASN D 63 -4.44 15.41 15.66
CA ASN D 63 -4.17 16.31 14.54
C ASN D 63 -3.67 15.53 13.33
N SER D 64 -2.76 14.59 13.56
CA SER D 64 -2.26 13.76 12.46
C SER D 64 -3.35 12.91 11.85
N PHE D 65 -4.23 12.35 12.68
CA PHE D 65 -5.32 11.52 12.16
C PHE D 65 -6.30 12.34 11.34
N VAL D 66 -6.67 13.52 11.82
CA VAL D 66 -7.58 14.39 11.08
C VAL D 66 -6.95 14.78 9.74
N ASN D 67 -5.68 15.18 9.75
CA ASN D 67 -5.01 15.55 8.51
C ASN D 67 -4.94 14.38 7.55
N ASP D 68 -4.63 13.18 8.07
CA ASP D 68 -4.50 12.01 7.21
C ASP D 68 -5.84 11.65 6.56
N ILE D 69 -6.91 11.64 7.34
CA ILE D 69 -8.22 11.33 6.77
C ILE D 69 -8.66 12.42 5.79
N PHE D 70 -8.36 13.68 6.09
CA PHE D 70 -8.67 14.76 5.16
C PHE D 70 -7.95 14.55 3.84
N GLU D 71 -6.66 14.25 3.88
CA GLU D 71 -5.89 14.05 2.66
C GLU D 71 -6.36 12.82 1.88
N ARG D 72 -6.71 11.74 2.57
CA ARG D 72 -7.21 10.55 1.89
C ARG D 72 -8.53 10.83 1.19
N ILE D 73 -9.47 11.47 1.88
CA ILE D 73 -10.76 11.76 1.28
C ILE D 73 -10.62 12.76 0.13
N ALA D 74 -9.77 13.78 0.30
CA ALA D 74 -9.57 14.77 -0.74
C ALA D 74 -8.92 14.15 -1.97
N GLY D 75 -7.94 13.27 -1.78
CA GLY D 75 -7.33 12.61 -2.91
C GLY D 75 -8.31 11.72 -3.65
N GLU D 76 -9.12 10.95 -2.92
CA GLU D 76 -10.09 10.09 -3.58
C GLU D 76 -11.13 10.91 -4.33
N ALA D 77 -11.59 12.02 -3.75
CA ALA D 77 -12.55 12.88 -4.43
C ALA D 77 -11.94 13.55 -5.65
N SER D 78 -10.66 13.93 -5.57
CA SER D 78 -9.99 14.48 -6.74
C SER D 78 -9.90 13.46 -7.86
N ARG D 79 -9.60 12.20 -7.51
CA ARG D 79 -9.57 11.15 -8.52
C ARG D 79 -10.94 10.92 -9.13
N LEU D 80 -12.00 10.99 -8.31
CA LEU D 80 -13.36 10.89 -8.85
C LEU D 80 -13.66 12.04 -9.80
N ALA D 81 -13.24 13.25 -9.47
CA ALA D 81 -13.47 14.38 -10.36
C ALA D 81 -12.72 14.21 -11.67
N HIS D 82 -11.50 13.68 -11.61
CA HIS D 82 -10.70 13.53 -12.81
C HIS D 82 -11.22 12.40 -13.69
N TYR D 83 -11.68 11.31 -13.09
CA TYR D 83 -12.13 10.16 -13.87
C TYR D 83 -13.34 10.52 -14.72
N ASN D 84 -14.27 11.28 -14.17
CA ASN D 84 -15.47 11.69 -14.88
C ASN D 84 -15.26 12.97 -15.68
N LYS D 85 -14.02 13.44 -15.80
CA LYS D 85 -13.67 14.66 -16.52
C LYS D 85 -14.48 15.84 -16.01
N ARG D 86 -14.60 15.93 -14.69
CA ARG D 86 -15.25 17.03 -14.01
C ARG D 86 -14.21 17.97 -13.43
N SER D 87 -14.59 19.22 -13.23
CA SER D 87 -13.66 20.23 -12.75
C SER D 87 -14.09 20.82 -11.41
N THR D 88 -15.07 20.22 -10.76
CA THR D 88 -15.56 20.70 -9.47
C THR D 88 -15.60 19.55 -8.48
N ILE D 89 -15.37 19.88 -7.21
CA ILE D 89 -15.53 18.93 -6.12
C ILE D 89 -16.85 19.27 -5.44
N THR D 90 -17.88 18.49 -5.75
CA THR D 90 -19.18 18.66 -5.14
C THR D 90 -19.30 17.69 -3.98
N SER D 91 -20.32 17.89 -3.14
CA SER D 91 -20.57 16.97 -2.03
C SER D 91 -20.87 15.56 -2.52
N ARG D 92 -21.27 15.41 -3.79
CA ARG D 92 -21.41 14.08 -4.36
C ARG D 92 -20.08 13.34 -4.38
N GLU D 93 -19.02 14.02 -4.82
CA GLU D 93 -17.69 13.41 -4.83
C GLU D 93 -17.21 13.06 -3.43
N ILE D 94 -17.45 13.95 -2.46
CA ILE D 94 -17.03 13.67 -1.09
C ILE D 94 -17.82 12.50 -0.54
N GLN D 95 -19.11 12.42 -0.84
CA GLN D 95 -19.93 11.29 -0.40
C GLN D 95 -19.41 9.99 -0.98
N THR D 96 -19.10 9.99 -2.28
CA THR D 96 -18.59 8.78 -2.91
C THR D 96 -17.23 8.38 -2.36
N ALA D 97 -16.36 9.35 -2.12
CA ALA D 97 -15.05 9.05 -1.54
C ALA D 97 -15.18 8.48 -0.13
N VAL D 98 -16.09 9.04 0.67
CA VAL D 98 -16.34 8.54 2.01
C VAL D 98 -16.86 7.10 1.94
N ARG D 99 -17.77 6.83 1.01
CA ARG D 99 -18.24 5.46 0.84
C ARG D 99 -17.13 4.51 0.41
N LEU D 100 -16.18 5.01 -0.38
CA LEU D 100 -15.08 4.16 -0.82
C LEU D 100 -14.12 3.85 0.31
N LEU D 101 -13.70 4.87 1.07
CA LEU D 101 -12.62 4.66 2.05
C LEU D 101 -13.13 4.05 3.36
N LEU D 102 -14.10 4.69 3.99
CA LEU D 102 -14.54 4.24 5.31
C LEU D 102 -15.23 2.89 5.20
N PRO D 103 -14.87 1.90 6.02
CA PRO D 103 -15.41 0.55 5.85
C PRO D 103 -16.67 0.28 6.64
N GLY D 104 -17.63 -0.35 5.97
CA GLY D 104 -18.81 -0.87 6.64
C GLY D 104 -19.68 0.21 7.25
N GLU D 105 -20.15 -0.07 8.47
CA GLU D 105 -21.07 0.83 9.15
C GLU D 105 -20.48 2.21 9.37
N LEU D 106 -19.16 2.31 9.46
CA LEU D 106 -18.51 3.61 9.62
C LEU D 106 -18.79 4.54 8.44
N ALA D 107 -19.03 3.98 7.26
CA ALA D 107 -19.43 4.80 6.12
C ALA D 107 -20.94 4.99 6.04
N LYS D 108 -21.71 4.15 6.72
CA LYS D 108 -23.15 4.36 6.75
C LYS D 108 -23.54 5.50 7.67
N HIS D 109 -22.75 5.73 8.72
CA HIS D 109 -23.03 6.82 9.64
C HIS D 109 -22.46 8.13 9.16
N ALA D 110 -21.21 8.15 8.71
CA ALA D 110 -20.57 9.38 8.29
C ALA D 110 -21.32 10.03 7.14
N VAL D 111 -21.71 9.23 6.14
CA VAL D 111 -22.57 9.73 5.08
C VAL D 111 -23.87 10.27 5.67
N SER D 112 -24.50 9.49 6.55
CA SER D 112 -25.69 9.96 7.23
C SER D 112 -25.41 11.23 8.02
N GLU D 113 -24.18 11.37 8.52
CA GLU D 113 -23.80 12.62 9.15
C GLU D 113 -23.69 13.73 8.12
N GLY D 114 -22.99 13.45 7.01
CA GLY D 114 -22.71 14.51 6.04
C GLY D 114 -23.96 15.05 5.39
N THR D 115 -24.83 14.14 4.94
CA THR D 115 -26.12 14.57 4.40
C THR D 115 -26.97 15.26 5.44
N LYS D 116 -26.74 14.98 6.73
CA LYS D 116 -27.46 15.71 7.77
C LYS D 116 -26.98 17.15 7.84
N ALA D 117 -25.69 17.38 7.59
CA ALA D 117 -25.13 18.71 7.78
C ALA D 117 -25.41 19.61 6.58
N VAL D 118 -25.10 19.13 5.37
CA VAL D 118 -25.15 19.99 4.20
C VAL D 118 -26.56 20.51 3.96
N THR D 119 -27.58 19.68 4.19
CA THR D 119 -28.96 20.12 4.07
C THR D 119 -29.23 21.25 5.04
N LYS D 120 -28.78 21.12 6.29
CA LYS D 120 -28.88 22.22 7.23
C LYS D 120 -28.18 23.45 6.68
N TYR D 121 -27.01 23.26 6.07
CA TYR D 121 -26.28 24.39 5.48
C TYR D 121 -27.09 25.03 4.37
N THR D 122 -27.84 24.24 3.61
CA THR D 122 -28.64 24.85 2.54
C THR D 122 -30.03 25.20 3.00
N SER D 123 -30.29 25.20 4.30
CA SER D 123 -31.54 25.73 4.84
C SER D 123 -31.31 27.02 5.61
N SER D 124 -30.22 27.74 5.29
CA SER D 124 -29.84 28.99 5.93
C SER D 124 -29.72 28.85 7.44
N PRO E 38 17.90 -22.49 46.42
CA PRO E 38 17.09 -21.26 46.45
C PRO E 38 15.88 -21.34 45.54
N HIS E 39 14.89 -20.47 45.81
CA HIS E 39 13.63 -20.44 45.02
C HIS E 39 13.90 -20.08 43.56
N ARG E 40 13.46 -20.95 42.64
CA ARG E 40 13.60 -20.71 41.22
C ARG E 40 12.27 -20.94 40.53
N TYR E 41 11.99 -20.13 39.51
CA TYR E 41 10.81 -20.29 38.68
C TYR E 41 11.15 -21.15 37.47
N ARG E 42 10.17 -21.91 36.98
CA ARG E 42 10.33 -22.79 35.83
C ARG E 42 10.72 -21.99 34.59
N PRO E 43 11.36 -22.62 33.60
CA PRO E 43 11.79 -21.86 32.41
C PRO E 43 10.67 -21.20 31.65
N GLY E 44 9.45 -21.73 31.76
CA GLY E 44 8.32 -21.20 30.96
C GLY E 44 7.34 -20.36 31.75
N THR E 45 7.81 -19.60 32.74
CA THR E 45 6.92 -18.72 33.47
C THR E 45 7.49 -17.32 33.67
N VAL E 46 8.80 -17.15 33.63
CA VAL E 46 9.42 -15.83 33.61
C VAL E 46 9.41 -15.39 32.14
N ALA E 47 8.86 -16.25 31.28
CA ALA E 47 8.69 -15.92 29.88
C ALA E 47 7.32 -15.29 29.72
N LEU E 48 6.24 -15.99 30.16
CA LEU E 48 4.86 -15.40 30.15
C LEU E 48 5.00 -14.05 30.82
N ARG E 49 5.46 -14.08 32.08
CA ARG E 49 5.70 -12.82 32.83
C ARG E 49 6.71 -11.97 32.07
N GLU E 50 6.55 -10.66 31.93
CA GLU E 50 7.46 -9.83 31.06
C GLU E 50 6.86 -9.78 29.65
N ILE E 51 5.93 -10.66 29.35
CA ILE E 51 5.27 -10.53 28.02
C ILE E 51 4.06 -9.70 28.40
N ARG E 52 3.48 -10.02 29.57
CA ARG E 52 2.32 -9.24 29.96
C ARG E 52 2.72 -7.81 30.33
N ARG E 53 3.91 -7.60 30.87
CA ARG E 53 4.22 -6.21 31.28
C ARG E 53 4.82 -5.42 30.12
N TYR E 54 5.43 -6.06 29.11
CA TYR E 54 5.92 -5.27 27.96
C TYR E 54 4.74 -4.98 27.04
N GLN E 55 3.74 -5.88 27.02
CA GLN E 55 2.54 -5.56 26.27
C GLN E 55 1.70 -4.52 27.00
N LYS E 56 1.73 -4.53 28.33
CA LYS E 56 1.02 -3.52 29.11
C LYS E 56 1.70 -2.17 29.05
N SER E 57 3.02 -2.15 29.01
CA SER E 57 3.76 -0.89 29.02
C SER E 57 3.88 -0.33 27.60
N THR E 58 4.40 0.89 27.50
CA THR E 58 4.43 1.57 26.20
C THR E 58 5.72 2.35 25.98
N GLU E 59 6.81 1.97 26.66
CA GLU E 59 8.09 2.62 26.42
C GLU E 59 8.75 2.00 25.18
N LEU E 60 10.03 2.28 24.99
CA LEU E 60 10.68 1.90 23.74
C LEU E 60 11.26 0.49 23.78
N LEU E 61 12.14 0.22 24.75
CA LEU E 61 12.83 -1.03 25.05
C LEU E 61 14.16 -1.16 24.29
N ILE E 62 14.63 -0.13 23.58
CA ILE E 62 15.97 -0.10 23.02
C ILE E 62 16.64 1.19 23.50
N ARG E 63 17.90 1.07 23.92
CA ARG E 63 18.64 2.22 24.42
C ARG E 63 18.75 3.28 23.34
N LYS E 64 18.63 4.55 23.74
CA LYS E 64 18.49 5.63 22.77
C LYS E 64 19.81 5.89 22.03
N LEU E 65 20.92 6.02 22.76
CA LEU E 65 22.18 6.35 22.12
C LEU E 65 22.70 5.28 21.16
N PRO E 66 22.67 3.98 21.49
CA PRO E 66 23.06 2.99 20.47
C PRO E 66 22.22 3.08 19.21
N PHE E 67 20.93 3.34 19.34
CA PHE E 67 20.10 3.46 18.15
C PHE E 67 20.42 4.70 17.35
N GLN E 68 20.62 5.83 18.02
CA GLN E 68 21.00 7.08 17.32
C GLN E 68 22.32 6.84 16.57
N ARG E 69 23.28 6.18 17.22
CA ARG E 69 24.57 5.91 16.62
C ARG E 69 24.43 4.99 15.41
N LEU E 70 23.55 3.99 15.50
CA LEU E 70 23.27 3.13 14.36
C LEU E 70 22.65 3.92 13.22
N VAL E 71 21.73 4.83 13.53
CA VAL E 71 21.12 5.67 12.50
C VAL E 71 22.16 6.49 11.78
N ARG E 72 23.08 7.11 12.55
CA ARG E 72 24.12 7.91 11.92
C ARG E 72 25.07 7.05 11.08
N GLU E 73 25.39 5.85 11.56
CA GLU E 73 26.22 4.93 10.77
C GLU E 73 25.55 4.60 9.45
N ILE E 74 24.26 4.31 9.48
CA ILE E 74 23.55 3.95 8.25
C ILE E 74 23.45 5.15 7.32
N ALA E 75 23.18 6.33 7.88
CA ALA E 75 22.96 7.51 7.06
C ALA E 75 24.24 8.07 6.45
N GLN E 76 25.39 7.84 7.06
CA GLN E 76 26.61 8.42 6.50
C GLN E 76 27.06 7.73 5.22
N ASP E 77 26.34 6.70 4.76
CA ASP E 77 26.58 6.11 3.45
C ASP E 77 25.81 6.81 2.34
N PHE E 78 24.84 7.66 2.67
CA PHE E 78 24.07 8.39 1.68
C PHE E 78 24.39 9.87 1.63
N LYS E 79 24.74 10.47 2.75
CA LYS E 79 25.10 11.88 2.81
C LYS E 79 26.06 12.08 3.97
N THR E 80 27.31 12.37 3.65
CA THR E 80 28.30 12.59 4.70
C THR E 80 28.02 13.87 5.46
N ASP E 81 28.30 13.84 6.76
CA ASP E 81 28.10 14.98 7.67
C ASP E 81 26.63 15.40 7.70
N LEU E 82 25.79 14.47 8.14
CA LEU E 82 24.38 14.77 8.39
C LEU E 82 24.16 15.09 9.86
N ARG E 83 23.24 16.01 10.12
CA ARG E 83 22.89 16.40 11.48
C ARG E 83 21.44 16.00 11.70
N PHE E 84 21.24 14.82 12.28
CA PHE E 84 19.88 14.34 12.51
C PHE E 84 19.21 15.16 13.60
N GLN E 85 18.06 15.73 13.27
CA GLN E 85 17.20 16.34 14.27
C GLN E 85 16.79 15.28 15.29
N SER E 86 16.70 15.68 16.56
CA SER E 86 16.41 14.71 17.62
C SER E 86 15.05 14.06 17.41
N SER E 87 14.05 14.85 17.01
CA SER E 87 12.73 14.30 16.74
C SER E 87 12.78 13.29 15.61
N ALA E 88 13.66 13.50 14.62
CA ALA E 88 13.80 12.55 13.54
C ALA E 88 14.32 11.22 14.03
N VAL E 89 15.32 11.24 14.92
CA VAL E 89 15.82 9.98 15.48
C VAL E 89 14.76 9.30 16.31
N MET E 90 13.98 10.07 17.06
CA MET E 90 12.89 9.50 17.84
C MET E 90 11.85 8.84 16.94
N ALA E 91 11.49 9.50 15.84
CA ALA E 91 10.52 8.94 14.91
C ALA E 91 11.05 7.68 14.25
N LEU E 92 12.33 7.69 13.86
CA LEU E 92 12.93 6.50 13.28
C LEU E 92 12.90 5.35 14.27
N GLN E 93 13.20 5.63 15.54
CA GLN E 93 13.18 4.58 16.55
C GLN E 93 11.78 4.02 16.73
N GLU E 94 10.79 4.90 16.88
CA GLU E 94 9.43 4.44 17.09
C GLU E 94 8.95 3.58 15.95
N ALA E 95 9.20 4.01 14.71
CA ALA E 95 8.79 3.22 13.55
C ALA E 95 9.53 1.89 13.49
N SER E 96 10.83 1.89 13.74
CA SER E 96 11.61 0.67 13.65
C SER E 96 11.14 -0.36 14.67
N GLU E 97 10.86 0.08 15.89
CA GLU E 97 10.39 -0.83 16.92
C GLU E 97 8.97 -1.32 16.65
N ALA E 98 8.09 -0.47 16.11
CA ALA E 98 6.78 -0.95 15.73
C ALA E 98 6.87 -2.01 14.63
N TYR E 99 7.76 -1.78 13.66
CA TYR E 99 7.96 -2.76 12.59
C TYR E 99 8.50 -4.06 13.13
N LEU E 100 9.48 -4.00 14.03
CA LEU E 100 10.05 -5.22 14.59
C LEU E 100 9.06 -5.97 15.46
N VAL E 101 8.22 -5.24 16.21
CA VAL E 101 7.21 -5.91 17.02
C VAL E 101 6.18 -6.61 16.14
N GLY E 102 5.74 -5.95 15.07
CA GLY E 102 4.82 -6.61 14.15
C GLY E 102 5.45 -7.81 13.47
N LEU E 103 6.72 -7.69 13.09
CA LEU E 103 7.44 -8.80 12.50
C LEU E 103 7.55 -9.96 13.48
N PHE E 104 7.73 -9.66 14.76
CA PHE E 104 7.83 -10.72 15.75
C PHE E 104 6.48 -11.35 16.03
N GLU E 105 5.39 -10.59 15.91
CA GLU E 105 4.07 -11.20 16.00
C GLU E 105 3.85 -12.19 14.86
N ASP E 106 4.17 -11.77 13.63
CA ASP E 106 4.02 -12.69 12.50
C ASP E 106 4.97 -13.88 12.63
N THR E 107 6.17 -13.64 13.15
CA THR E 107 7.13 -14.71 13.38
C THR E 107 6.62 -15.71 14.41
N ASN E 108 6.01 -15.22 15.47
CA ASN E 108 5.43 -16.12 16.48
C ASN E 108 4.29 -16.93 15.88
N LEU E 109 3.46 -16.30 15.05
CA LEU E 109 2.39 -17.04 14.39
C LEU E 109 2.95 -18.13 13.49
N ALA E 110 4.00 -17.81 12.73
CA ALA E 110 4.60 -18.81 11.85
C ALA E 110 5.26 -19.93 12.63
N ALA E 111 5.86 -19.62 13.78
CA ALA E 111 6.50 -20.66 14.57
C ALA E 111 5.48 -21.57 15.22
N ILE E 112 4.39 -21.00 15.74
CA ILE E 112 3.32 -21.82 16.29
C ILE E 112 2.67 -22.65 15.20
N HIS E 113 2.58 -22.12 13.98
CA HIS E 113 2.02 -22.88 12.86
C HIS E 113 2.86 -24.12 12.57
N ALA E 114 4.16 -24.08 12.83
CA ALA E 114 5.03 -25.21 12.59
C ALA E 114 5.04 -26.21 13.73
N LYS E 115 4.02 -26.17 14.60
CA LYS E 115 3.96 -27.01 15.80
C LYS E 115 5.18 -26.81 16.67
N ARG E 116 5.59 -25.55 16.83
CA ARG E 116 6.77 -25.19 17.61
C ARG E 116 6.42 -24.08 18.57
N VAL E 117 7.34 -23.80 19.49
CA VAL E 117 7.25 -22.65 20.38
C VAL E 117 8.42 -21.69 20.17
N THR E 118 9.63 -22.22 20.05
CA THR E 118 10.81 -21.40 19.80
C THR E 118 10.72 -20.79 18.41
N ILE E 119 11.03 -19.51 18.29
CA ILE E 119 11.11 -18.86 17.00
C ILE E 119 12.54 -18.98 16.47
N MET E 120 12.68 -19.38 15.22
CA MET E 120 13.95 -19.55 14.55
C MET E 120 14.07 -18.54 13.42
N PRO E 121 15.27 -18.34 12.85
CA PRO E 121 15.38 -17.42 11.71
C PRO E 121 14.53 -17.83 10.51
N LYS E 122 14.24 -19.11 10.34
CA LYS E 122 13.36 -19.52 9.25
C LYS E 122 11.97 -18.94 9.40
N ASP E 123 11.49 -18.76 10.63
CA ASP E 123 10.18 -18.15 10.84
C ASP E 123 10.17 -16.70 10.41
N ILE E 124 11.23 -15.94 10.75
CA ILE E 124 11.32 -14.55 10.29
C ILE E 124 11.39 -14.48 8.78
N GLN E 125 12.17 -15.38 8.17
CA GLN E 125 12.28 -15.38 6.73
C GLN E 125 10.94 -15.69 6.06
N LEU E 126 10.19 -16.66 6.60
CA LEU E 126 8.88 -16.96 6.04
C LEU E 126 7.92 -15.79 6.23
N ALA E 127 7.94 -15.16 7.40
CA ALA E 127 7.05 -14.02 7.64
C ALA E 127 7.34 -12.89 6.67
N ARG E 128 8.62 -12.59 6.46
CA ARG E 128 8.98 -11.55 5.50
C ARG E 128 8.59 -11.94 4.08
N ARG E 129 8.80 -13.19 3.70
CA ARG E 129 8.47 -13.63 2.35
C ARG E 129 6.97 -13.55 2.09
N ILE E 130 6.15 -13.97 3.06
CA ILE E 130 4.71 -13.90 2.88
C ILE E 130 4.23 -12.46 2.90
N ARG E 131 4.80 -11.65 3.78
CA ARG E 131 4.42 -10.24 3.87
C ARG E 131 4.65 -9.50 2.55
N GLY E 132 5.76 -9.79 1.88
CA GLY E 132 6.06 -9.14 0.62
C GLY E 132 7.49 -8.63 0.55
N GLU E 133 8.10 -8.45 1.71
CA GLU E 133 9.48 -7.98 1.76
C GLU E 133 10.43 -9.13 1.42
N ARG E 134 11.47 -8.80 0.65
CA ARG E 134 12.43 -9.77 0.14
C ARG E 134 11.71 -10.92 -0.57
N ALA E 135 11.20 -10.62 -1.75
CA ALA E 135 10.50 -11.63 -2.54
C ALA E 135 11.45 -12.32 -3.51
N VAL F 21 34.78 7.70 11.26
CA VAL F 21 33.53 7.01 10.96
C VAL F 21 33.07 6.16 12.14
N LEU F 22 31.96 5.47 11.97
CA LEU F 22 31.40 4.58 12.99
C LEU F 22 31.45 3.15 12.48
N ARG F 23 32.01 2.26 13.28
CA ARG F 23 32.25 0.89 12.85
C ARG F 23 31.32 -0.08 13.59
N ASP F 24 30.41 -0.70 12.82
CA ASP F 24 29.52 -1.76 13.27
C ASP F 24 28.81 -1.44 14.58
N ASN F 25 27.94 -0.43 14.58
CA ASN F 25 27.15 -0.10 15.75
C ASN F 25 25.84 -0.87 15.80
N ILE F 26 25.59 -1.76 14.84
CA ILE F 26 24.45 -2.66 14.92
C ILE F 26 24.54 -3.60 16.10
N GLN F 27 25.73 -3.80 16.65
CA GLN F 27 25.87 -4.56 17.90
C GLN F 27 25.17 -3.85 19.05
N GLY F 28 25.00 -2.52 18.93
CA GLY F 28 24.31 -1.73 19.93
C GLY F 28 22.88 -2.19 20.18
N ILE F 29 22.27 -2.82 19.17
CA ILE F 29 20.96 -3.45 19.36
C ILE F 29 21.24 -4.80 19.99
N THR F 30 21.35 -4.82 21.32
CA THR F 30 21.87 -5.97 22.02
C THR F 30 20.84 -7.10 22.07
N LYS F 31 21.32 -8.27 22.49
CA LYS F 31 20.42 -9.41 22.66
C LYS F 31 19.29 -9.15 23.66
N PRO F 32 19.49 -8.51 24.81
CA PRO F 32 18.33 -8.18 25.66
C PRO F 32 17.31 -7.28 24.98
N ALA F 33 17.74 -6.35 24.12
CA ALA F 33 16.78 -5.48 23.46
C ALA F 33 15.91 -6.26 22.48
N ILE F 34 16.52 -7.15 21.71
CA ILE F 34 15.75 -8.00 20.81
C ILE F 34 14.83 -8.91 21.60
N ARG F 35 15.30 -9.41 22.74
CA ARG F 35 14.45 -10.21 23.61
C ARG F 35 13.24 -9.41 24.08
N ARG F 36 13.45 -8.16 24.47
CA ARG F 36 12.35 -7.32 24.92
C ARG F 36 11.36 -7.03 23.80
N LEU F 37 11.87 -6.78 22.59
CA LEU F 37 10.99 -6.55 21.46
C LEU F 37 10.17 -7.80 21.15
N ALA F 38 10.78 -8.97 21.24
CA ALA F 38 10.05 -10.21 21.02
C ALA F 38 9.02 -10.44 22.11
N ARG F 39 9.36 -10.10 23.37
CA ARG F 39 8.40 -10.25 24.46
C ARG F 39 7.19 -9.37 24.24
N ARG F 40 7.41 -8.13 23.79
CA ARG F 40 6.28 -7.28 23.44
C ARG F 40 5.51 -7.84 22.25
N GLY F 41 6.22 -8.52 21.35
CA GLY F 41 5.54 -9.17 20.24
C GLY F 41 4.73 -10.39 20.63
N GLY F 42 4.99 -10.95 21.80
CA GLY F 42 4.23 -12.09 22.26
C GLY F 42 4.96 -13.40 22.07
N VAL F 43 6.28 -13.38 22.22
CA VAL F 43 7.13 -14.54 21.99
C VAL F 43 7.57 -15.09 23.33
N LYS F 44 7.36 -16.39 23.53
CA LYS F 44 7.70 -17.04 24.80
C LYS F 44 9.11 -17.60 24.82
N ARG F 45 9.61 -18.08 23.70
CA ARG F 45 10.91 -18.75 23.65
C ARG F 45 11.60 -18.38 22.35
N ILE F 46 12.89 -18.04 22.43
CA ILE F 46 13.63 -17.47 21.32
C ILE F 46 14.87 -18.30 21.08
N SER F 47 15.15 -18.61 19.81
CA SER F 47 16.38 -19.30 19.47
C SER F 47 17.56 -18.33 19.55
N GLY F 48 18.77 -18.87 19.50
CA GLY F 48 19.94 -18.04 19.66
C GLY F 48 20.40 -17.40 18.36
N LEU F 49 19.85 -17.87 17.25
CA LEU F 49 20.17 -17.32 15.93
C LEU F 49 19.21 -16.23 15.50
N ILE F 50 18.20 -15.94 16.32
CA ILE F 50 17.24 -14.90 15.99
C ILE F 50 17.89 -13.53 16.00
N TYR F 51 18.85 -13.32 16.90
CA TYR F 51 19.40 -12.00 17.14
C TYR F 51 20.08 -11.44 15.88
N GLU F 52 20.91 -12.26 15.23
CA GLU F 52 21.57 -11.81 14.01
C GLU F 52 20.58 -11.52 12.90
N GLU F 53 19.56 -12.36 12.76
CA GLU F 53 18.53 -12.15 11.74
C GLU F 53 17.78 -10.85 12.00
N THR F 54 17.43 -10.57 13.25
CA THR F 54 16.72 -9.35 13.59
C THR F 54 17.60 -8.13 13.37
N ARG F 55 18.88 -8.23 13.68
CA ARG F 55 19.79 -7.11 13.42
C ARG F 55 19.89 -6.83 11.93
N GLY F 56 19.98 -7.88 11.12
CA GLY F 56 19.99 -7.69 9.67
C GLY F 56 18.71 -7.07 9.15
N VAL F 57 17.57 -7.54 9.65
CA VAL F 57 16.28 -7.00 9.22
C VAL F 57 16.15 -5.53 9.60
N LEU F 58 16.56 -5.19 10.82
CA LEU F 58 16.50 -3.79 11.26
C LEU F 58 17.43 -2.93 10.44
N LYS F 59 18.62 -3.42 10.10
CA LYS F 59 19.53 -2.65 9.26
C LYS F 59 18.92 -2.41 7.88
N VAL F 60 18.27 -3.42 7.31
CA VAL F 60 17.65 -3.27 6.00
C VAL F 60 16.53 -2.24 6.06
N PHE F 61 15.66 -2.36 7.07
CA PHE F 61 14.53 -1.44 7.18
C PHE F 61 15.01 -0.01 7.39
N LEU F 62 16.00 0.17 8.26
CA LEU F 62 16.53 1.51 8.50
C LEU F 62 17.19 2.06 7.25
N GLU F 63 17.89 1.22 6.48
CA GLU F 63 18.48 1.70 5.25
C GLU F 63 17.41 2.22 4.29
N ASN F 64 16.34 1.45 4.12
CA ASN F 64 15.29 1.89 3.21
C ASN F 64 14.63 3.19 3.67
N VAL F 65 14.33 3.29 4.98
CA VAL F 65 13.65 4.49 5.45
C VAL F 65 14.57 5.70 5.42
N ILE F 66 15.82 5.53 5.85
CA ILE F 66 16.76 6.63 5.92
C ILE F 66 17.16 7.10 4.53
N ARG F 67 17.19 6.21 3.54
CA ARG F 67 17.48 6.63 2.19
C ARG F 67 16.46 7.64 1.69
N ASP F 68 15.17 7.36 1.92
CA ASP F 68 14.12 8.28 1.50
C ASP F 68 14.11 9.54 2.35
N ALA F 69 14.42 9.43 3.65
CA ALA F 69 14.52 10.63 4.47
C ALA F 69 15.63 11.54 3.97
N VAL F 70 16.77 10.97 3.62
CA VAL F 70 17.89 11.75 3.11
C VAL F 70 17.56 12.32 1.74
N THR F 71 16.83 11.57 0.92
CA THR F 71 16.41 12.10 -0.37
C THR F 71 15.50 13.31 -0.20
N TYR F 72 14.55 13.22 0.74
CA TYR F 72 13.68 14.36 1.01
C TYR F 72 14.47 15.55 1.52
N THR F 73 15.46 15.29 2.38
CA THR F 73 16.30 16.38 2.88
C THR F 73 17.10 17.03 1.76
N GLU F 74 17.68 16.21 0.88
CA GLU F 74 18.49 16.75 -0.21
C GLU F 74 17.65 17.58 -1.17
N HIS F 75 16.41 17.15 -1.44
CA HIS F 75 15.57 17.95 -2.33
C HIS F 75 15.23 19.31 -1.73
N ALA F 76 15.15 19.39 -0.40
CA ALA F 76 14.78 20.64 0.27
C ALA F 76 15.97 21.56 0.48
N LYS F 77 17.14 21.22 -0.09
CA LYS F 77 18.38 21.98 0.11
C LYS F 77 18.70 22.14 1.59
N ARG F 78 18.44 21.09 2.36
CA ARG F 78 18.71 21.07 3.79
C ARG F 78 19.89 20.16 4.08
N LYS F 79 20.45 20.33 5.27
CA LYS F 79 21.53 19.48 5.73
C LYS F 79 21.20 18.77 7.03
N THR F 80 20.03 19.04 7.62
CA THR F 80 19.56 18.34 8.80
C THR F 80 18.28 17.59 8.46
N VAL F 81 18.18 16.36 8.93
CA VAL F 81 17.00 15.53 8.63
C VAL F 81 15.93 15.86 9.66
N THR F 82 14.87 16.53 9.24
CA THR F 82 13.78 16.86 10.15
C THR F 82 12.91 15.63 10.40
N ALA F 83 12.05 15.74 11.42
CA ALA F 83 11.14 14.64 11.74
C ALA F 83 10.11 14.45 10.65
N MET F 84 9.68 15.54 10.01
CA MET F 84 8.73 15.43 8.91
C MET F 84 9.32 14.64 7.74
N ASP F 85 10.63 14.74 7.52
CA ASP F 85 11.25 13.93 6.48
C ASP F 85 11.09 12.45 6.77
N VAL F 86 11.32 12.04 8.01
CA VAL F 86 11.14 10.65 8.38
C VAL F 86 9.68 10.24 8.28
N VAL F 87 8.77 11.14 8.68
CA VAL F 87 7.35 10.84 8.59
C VAL F 87 6.93 10.61 7.14
N TYR F 88 7.40 11.46 6.23
CA TYR F 88 7.08 11.32 4.82
C TYR F 88 7.73 10.07 4.22
N ALA F 89 8.96 9.76 4.62
CA ALA F 89 9.61 8.56 4.15
C ALA F 89 8.85 7.32 4.57
N LEU F 90 8.35 7.30 5.81
CA LEU F 90 7.55 6.17 6.27
C LEU F 90 6.20 6.13 5.56
N LYS F 91 5.60 7.30 5.31
CA LYS F 91 4.32 7.34 4.61
C LYS F 91 4.44 6.82 3.19
N ARG F 92 5.60 7.03 2.55
CA ARG F 92 5.80 6.51 1.20
C ARG F 92 5.72 5.00 1.16
N GLN F 93 6.30 4.33 2.16
CA GLN F 93 6.29 2.87 2.20
C GLN F 93 5.05 2.30 2.86
N GLY F 94 4.10 3.14 3.25
CA GLY F 94 2.90 2.66 3.88
C GLY F 94 3.10 2.31 5.34
N ARG F 95 3.64 3.24 6.11
CA ARG F 95 3.76 3.08 7.55
C ARG F 95 2.96 4.11 8.32
N THR F 96 2.96 5.36 7.87
CA THR F 96 2.04 6.40 8.34
C THR F 96 2.16 6.60 9.85
N LEU F 97 3.32 7.10 10.26
CA LEU F 97 3.58 7.35 11.67
C LEU F 97 2.79 8.56 12.15
N TYR F 98 2.05 8.40 13.24
CA TYR F 98 1.25 9.47 13.80
C TYR F 98 1.97 10.12 14.97
N GLY F 99 1.58 11.36 15.27
CA GLY F 99 2.13 12.07 16.39
C GLY F 99 3.29 12.98 16.04
N PHE F 100 4.30 12.42 15.37
CA PHE F 100 5.47 13.20 15.02
C PHE F 100 5.15 14.15 13.88
N GLY F 101 5.52 15.42 14.05
CA GLY F 101 5.22 16.43 13.07
C GLY F 101 3.74 16.75 12.98
N LYS G 15 11.52 21.05 -35.14
CA LYS G 15 10.62 21.98 -34.48
C LYS G 15 10.04 21.38 -33.21
N THR G 16 9.71 20.10 -33.26
CA THR G 16 9.10 19.43 -32.12
C THR G 16 10.09 19.34 -30.97
N ARG G 17 9.58 19.50 -29.75
CA ARG G 17 10.44 19.47 -28.57
C ARG G 17 11.03 18.09 -28.34
N SER G 18 10.36 17.03 -28.80
CA SER G 18 10.88 15.69 -28.64
C SER G 18 12.16 15.50 -29.45
N SER G 19 12.16 15.94 -30.70
CA SER G 19 13.35 15.85 -31.54
C SER G 19 14.44 16.79 -31.06
N ARG G 20 14.06 17.94 -30.51
CA ARG G 20 15.04 18.89 -29.99
C ARG G 20 15.80 18.31 -28.81
N ALA G 21 15.13 17.54 -27.95
CA ALA G 21 15.77 16.91 -26.80
C ALA G 21 16.22 15.48 -27.08
N GLY G 22 15.97 14.96 -28.28
CA GLY G 22 16.44 13.63 -28.63
C GLY G 22 15.57 12.49 -28.14
N LEU G 23 14.37 12.76 -27.64
CA LEU G 23 13.51 11.71 -27.12
C LEU G 23 12.50 11.27 -28.17
N GLN G 24 11.82 10.15 -27.88
CA GLN G 24 10.72 9.69 -28.71
C GLN G 24 9.35 9.89 -28.09
N PHE G 25 9.23 9.84 -26.76
CA PHE G 25 7.96 10.21 -26.16
C PHE G 25 7.69 11.71 -26.36
N PRO G 26 6.42 12.09 -26.48
CA PRO G 26 6.09 13.48 -26.85
C PRO G 26 6.20 14.40 -25.66
N VAL G 27 7.11 15.38 -25.76
CA VAL G 27 7.24 16.39 -24.71
C VAL G 27 5.99 17.23 -24.63
N GLY G 28 5.38 17.53 -25.78
CA GLY G 28 4.15 18.31 -25.77
C GLY G 28 3.01 17.62 -25.05
N ARG G 29 2.82 16.33 -25.31
CA ARG G 29 1.75 15.60 -24.65
C ARG G 29 2.02 15.47 -23.16
N VAL G 30 3.26 15.17 -22.77
CA VAL G 30 3.59 15.05 -21.36
C VAL G 30 3.36 16.38 -20.65
N HIS G 31 3.75 17.48 -21.29
CA HIS G 31 3.54 18.80 -20.70
C HIS G 31 2.05 19.13 -20.58
N ARG G 32 1.25 18.76 -21.59
CA ARG G 32 -0.17 19.01 -21.51
C ARG G 32 -0.82 18.21 -20.38
N LEU G 33 -0.44 16.94 -20.23
CA LEU G 33 -0.98 16.14 -19.14
C LEU G 33 -0.52 16.66 -17.79
N LEU G 34 0.71 17.16 -17.71
CA LEU G 34 1.18 17.74 -16.46
C LEU G 34 0.40 19.00 -16.11
N ARG G 35 0.07 19.83 -17.11
CA ARG G 35 -0.75 20.99 -16.82
C ARG G 35 -2.16 20.59 -16.40
N LYS G 36 -2.81 19.72 -17.16
CA LYS G 36 -4.23 19.44 -16.98
C LYS G 36 -4.49 18.35 -15.95
N GLY G 37 -3.45 17.74 -15.41
CA GLY G 37 -3.67 16.73 -14.40
C GLY G 37 -3.89 17.24 -13.01
N ASN G 38 -3.79 18.56 -12.81
CA ASN G 38 -3.89 19.20 -11.49
C ASN G 38 -2.89 18.60 -10.52
N TYR G 39 -1.62 18.79 -10.84
CA TYR G 39 -0.51 18.42 -9.97
C TYR G 39 0.12 19.61 -9.27
N ALA G 40 0.27 20.73 -9.96
CA ALA G 40 0.81 21.93 -9.34
C ALA G 40 0.24 23.14 -10.07
N GLU G 41 0.39 24.30 -9.43
CA GLU G 41 -0.16 25.53 -9.99
C GLU G 41 0.48 25.86 -11.34
N ARG G 42 1.78 25.67 -11.46
CA ARG G 42 2.47 25.88 -12.72
C ARG G 42 3.49 24.75 -12.91
N VAL G 43 3.77 24.44 -14.17
CA VAL G 43 4.69 23.36 -14.52
C VAL G 43 5.86 23.96 -15.28
N GLY G 44 7.07 23.67 -14.82
CA GLY G 44 8.25 24.23 -15.44
C GLY G 44 8.48 23.68 -16.84
N ALA G 45 9.33 24.37 -17.57
CA ALA G 45 9.63 23.96 -18.94
C ALA G 45 10.50 22.72 -18.98
N GLY G 46 11.27 22.45 -17.93
CA GLY G 46 12.18 21.33 -17.90
C GLY G 46 11.57 20.07 -17.32
N ALA G 47 10.41 20.18 -16.71
CA ALA G 47 9.73 19.00 -16.18
C ALA G 47 9.30 18.02 -17.27
N PRO G 48 8.60 18.43 -18.34
CA PRO G 48 8.15 17.41 -19.31
C PRO G 48 9.27 16.68 -20.01
N VAL G 49 10.40 17.33 -20.30
CA VAL G 49 11.48 16.65 -20.99
C VAL G 49 12.12 15.60 -20.08
N TYR G 50 12.28 15.94 -18.80
CA TYR G 50 12.80 14.96 -17.85
C TYR G 50 11.85 13.78 -17.70
N LEU G 51 10.55 14.07 -17.58
CA LEU G 51 9.57 13.00 -17.41
C LEU G 51 9.51 12.10 -18.63
N ALA G 52 9.54 12.69 -19.83
CA ALA G 52 9.53 11.90 -21.05
C ALA G 52 10.79 11.07 -21.17
N ALA G 53 11.94 11.62 -20.77
CA ALA G 53 13.17 10.84 -20.82
C ALA G 53 13.11 9.64 -19.87
N VAL G 54 12.60 9.86 -18.66
CA VAL G 54 12.51 8.77 -17.69
C VAL G 54 11.53 7.70 -18.16
N LEU G 55 10.37 8.13 -18.66
CA LEU G 55 9.40 7.18 -19.19
C LEU G 55 9.98 6.40 -20.36
N GLU G 56 10.69 7.07 -21.25
CA GLU G 56 11.26 6.42 -22.41
C GLU G 56 12.34 5.43 -22.02
N TYR G 57 13.17 5.79 -21.03
CA TYR G 57 14.19 4.84 -20.58
C TYR G 57 13.55 3.60 -19.98
N LEU G 58 12.53 3.78 -19.14
CA LEU G 58 11.85 2.64 -18.55
C LEU G 58 11.19 1.77 -19.62
N THR G 59 10.55 2.40 -20.60
CA THR G 59 9.91 1.66 -21.69
C THR G 59 10.95 0.90 -22.49
N ALA G 60 12.10 1.52 -22.76
CA ALA G 60 13.17 0.84 -23.48
C ALA G 60 13.68 -0.35 -22.71
N GLU G 61 13.81 -0.22 -21.38
CA GLU G 61 14.26 -1.35 -20.58
C GLU G 61 13.26 -2.51 -20.63
N ILE G 62 11.97 -2.20 -20.44
CA ILE G 62 10.94 -3.23 -20.52
C ILE G 62 10.95 -3.90 -21.89
N LEU G 63 11.03 -3.10 -22.95
CA LEU G 63 10.92 -3.67 -24.29
C LEU G 63 12.16 -4.44 -24.69
N GLU G 64 13.33 -4.01 -24.23
CA GLU G 64 14.55 -4.77 -24.51
C GLU G 64 14.52 -6.12 -23.80
N LEU G 65 14.11 -6.13 -22.53
CA LEU G 65 14.01 -7.40 -21.83
C LEU G 65 12.92 -8.29 -22.42
N ALA G 66 11.81 -7.70 -22.86
CA ALA G 66 10.75 -8.47 -23.50
C ALA G 66 11.23 -9.04 -24.84
N GLY G 67 12.00 -8.27 -25.60
CA GLY G 67 12.56 -8.80 -26.84
C GLY G 67 13.54 -9.93 -26.58
N ASN G 68 14.33 -9.82 -25.52
CA ASN G 68 15.19 -10.93 -25.13
C ASN G 68 14.38 -12.17 -24.81
N ALA G 69 13.29 -12.01 -24.06
CA ALA G 69 12.46 -13.16 -23.70
C ALA G 69 11.82 -13.77 -24.95
N ALA G 70 11.34 -12.93 -25.87
CA ALA G 70 10.73 -13.43 -27.09
C ALA G 70 11.75 -14.17 -27.95
N ARG G 71 12.97 -13.63 -28.05
CA ARG G 71 14.03 -14.33 -28.78
C ARG G 71 14.39 -15.65 -28.12
N ASP G 72 14.39 -15.69 -26.78
CA ASP G 72 14.58 -16.95 -26.08
C ASP G 72 13.44 -17.92 -26.33
N ASN G 73 12.25 -17.42 -26.65
CA ASN G 73 11.10 -18.26 -26.97
C ASN G 73 10.94 -18.51 -28.46
N LYS G 74 11.91 -18.09 -29.27
CA LYS G 74 11.90 -18.27 -30.72
C LYS G 74 10.65 -17.66 -31.36
N LYS G 75 10.22 -16.51 -30.85
CA LYS G 75 9.11 -15.76 -31.42
C LYS G 75 9.56 -14.33 -31.66
N THR G 76 9.08 -13.73 -32.75
CA THR G 76 9.42 -12.36 -33.09
C THR G 76 8.25 -11.41 -32.88
N ARG G 77 7.42 -11.70 -31.87
CA ARG G 77 6.31 -10.83 -31.51
C ARG G 77 6.15 -10.83 -30.01
N ILE G 78 5.97 -9.65 -29.43
CA ILE G 78 5.89 -9.49 -27.99
C ILE G 78 4.45 -9.60 -27.54
N ILE G 79 4.18 -10.56 -26.67
CA ILE G 79 2.84 -10.80 -26.12
C ILE G 79 2.92 -10.55 -24.62
N PRO G 80 1.80 -10.52 -23.88
CA PRO G 80 1.90 -10.29 -22.43
C PRO G 80 2.76 -11.30 -21.67
N ARG G 81 2.87 -12.54 -22.15
CA ARG G 81 3.71 -13.52 -21.44
C ARG G 81 5.16 -13.10 -21.44
N HIS G 82 5.65 -12.56 -22.57
CA HIS G 82 7.03 -12.09 -22.63
C HIS G 82 7.25 -10.90 -21.71
N LEU G 83 6.28 -10.00 -21.62
CA LEU G 83 6.39 -8.87 -20.70
C LEU G 83 6.43 -9.35 -19.26
N GLN G 84 5.60 -10.32 -18.90
CA GLN G 84 5.60 -10.82 -17.53
C GLN G 84 6.91 -11.53 -17.20
N LEU G 85 7.43 -12.32 -18.14
CA LEU G 85 8.73 -12.96 -17.93
C LEU G 85 9.83 -11.93 -17.75
N ALA G 86 9.82 -10.88 -18.58
CA ALA G 86 10.84 -9.84 -18.47
C ALA G 86 10.75 -9.11 -17.15
N ILE G 87 9.53 -8.81 -16.70
CA ILE G 87 9.35 -8.06 -15.47
C ILE G 87 9.72 -8.90 -14.26
N ARG G 88 9.26 -10.15 -14.21
CA ARG G 88 9.53 -10.97 -13.03
C ARG G 88 10.96 -11.48 -12.97
N ASN G 89 11.63 -11.61 -14.11
CA ASN G 89 13.01 -12.09 -14.09
C ASN G 89 14.02 -11.00 -13.75
N ASP G 90 13.64 -9.73 -13.82
CA ASP G 90 14.52 -8.64 -13.41
C ASP G 90 14.19 -8.27 -11.98
N GLU G 91 15.21 -8.23 -11.12
CA GLU G 91 14.98 -7.96 -9.71
C GLU G 91 14.42 -6.56 -9.49
N GLU G 92 15.00 -5.56 -10.14
CA GLU G 92 14.57 -4.19 -9.94
C GLU G 92 13.29 -3.84 -10.69
N LEU G 93 13.06 -4.44 -11.85
CA LEU G 93 11.77 -4.23 -12.52
C LEU G 93 10.65 -4.92 -11.77
N ASN G 94 10.94 -6.06 -11.13
CA ASN G 94 9.94 -6.71 -10.31
C ASN G 94 9.72 -5.97 -9.00
N LYS G 95 10.75 -5.30 -8.49
CA LYS G 95 10.56 -4.45 -7.33
C LYS G 95 9.73 -3.22 -7.66
N LEU G 96 9.92 -2.66 -8.86
CA LEU G 96 9.15 -1.50 -9.27
C LEU G 96 7.68 -1.85 -9.51
N LEU G 97 7.41 -3.06 -10.01
CA LEU G 97 6.05 -3.47 -10.29
C LEU G 97 5.63 -4.64 -9.40
N GLY G 98 5.92 -4.55 -8.11
CA GLY G 98 5.58 -5.63 -7.20
C GLY G 98 4.08 -5.81 -7.03
N LYS G 99 3.34 -4.70 -6.97
CA LYS G 99 1.88 -4.76 -6.74
C LYS G 99 1.13 -4.49 -8.05
N VAL G 100 1.60 -5.10 -9.15
CA VAL G 100 1.01 -4.89 -10.47
C VAL G 100 0.73 -6.25 -11.09
N THR G 101 -0.48 -6.42 -11.63
CA THR G 101 -0.87 -7.64 -12.32
C THR G 101 -0.80 -7.40 -13.81
N ILE G 102 -0.05 -8.23 -14.51
CA ILE G 102 -0.01 -8.22 -15.98
C ILE G 102 -1.05 -9.24 -16.44
N ALA G 103 -2.15 -8.75 -17.01
CA ALA G 103 -3.26 -9.62 -17.36
C ALA G 103 -2.86 -10.56 -18.50
N GLN G 104 -3.39 -11.79 -18.45
CA GLN G 104 -3.01 -12.89 -19.33
C GLN G 104 -1.49 -12.97 -19.53
N GLY G 105 -0.74 -12.72 -18.47
CA GLY G 105 0.70 -12.78 -18.52
C GLY G 105 1.25 -14.02 -17.84
N GLY G 106 0.45 -14.73 -17.09
CA GLY G 106 0.93 -15.99 -16.51
C GLY G 106 1.76 -15.76 -15.28
N VAL G 107 2.63 -16.71 -14.95
CA VAL G 107 3.57 -16.57 -13.79
C VAL G 107 4.95 -17.08 -14.25
N LEU G 108 5.99 -16.78 -13.48
CA LEU G 108 7.33 -17.32 -13.82
C LEU G 108 7.50 -18.72 -13.23
N PRO G 109 7.92 -19.73 -14.01
CA PRO G 109 7.99 -21.10 -13.51
C PRO G 109 8.84 -21.27 -12.25
N ASN G 110 8.29 -21.86 -11.18
CA ASN G 110 9.05 -22.08 -9.95
C ASN G 110 8.43 -23.25 -9.20
N ILE G 111 9.14 -24.38 -9.15
CA ILE G 111 8.72 -25.55 -8.39
C ILE G 111 9.69 -25.72 -7.23
N GLN G 112 9.16 -25.83 -6.02
CA GLN G 112 10.00 -25.92 -4.83
C GLN G 112 10.73 -27.25 -4.78
N ALA G 113 11.96 -27.21 -4.25
CA ALA G 113 12.82 -28.39 -4.28
C ALA G 113 12.30 -29.51 -3.39
N VAL G 114 11.54 -29.18 -2.36
CA VAL G 114 10.97 -30.21 -1.49
C VAL G 114 9.97 -31.07 -2.27
N LEU G 115 9.20 -30.43 -3.16
CA LEU G 115 8.18 -31.15 -3.90
C LEU G 115 8.77 -32.13 -4.92
N LEU G 116 10.00 -31.87 -5.37
CA LEU G 116 10.62 -32.72 -6.37
C LEU G 116 10.92 -34.11 -5.80
N PRO G 117 10.79 -35.22 -6.59
CA PRO G 117 10.95 -36.56 -6.04
C PRO G 117 12.41 -37.00 -5.91
N LYS G 118 12.65 -38.15 -5.25
CA LYS G 118 14.04 -38.62 -4.98
C LYS G 118 14.75 -38.90 -6.30
N LYS H 34 -9.18 9.37 -28.30
CA LYS H 34 -8.34 8.54 -27.43
C LYS H 34 -6.87 8.73 -27.74
N GLU H 35 -6.12 9.25 -26.77
CA GLU H 35 -4.69 9.45 -26.92
C GLU H 35 -3.94 8.41 -26.11
N SER H 36 -3.00 7.74 -26.76
CA SER H 36 -2.17 6.72 -26.13
C SER H 36 -0.75 6.86 -26.64
N TYR H 37 0.15 6.08 -26.03
CA TYR H 37 1.57 6.11 -26.37
C TYR H 37 1.95 5.02 -27.37
N SER H 38 1.01 4.59 -28.21
CA SER H 38 1.25 3.41 -29.06
C SER H 38 2.36 3.66 -30.06
N VAL H 39 2.29 4.77 -30.79
CA VAL H 39 3.28 5.01 -31.84
C VAL H 39 4.66 5.21 -31.25
N TYR H 40 4.73 5.83 -30.07
CA TYR H 40 6.02 6.10 -29.44
C TYR H 40 6.64 4.82 -28.89
N VAL H 41 5.84 3.95 -28.28
CA VAL H 41 6.33 2.65 -27.84
C VAL H 41 6.78 1.85 -29.05
N TYR H 42 6.07 1.94 -30.17
CA TYR H 42 6.49 1.26 -31.38
C TYR H 42 7.85 1.77 -31.85
N LYS H 43 8.06 3.09 -31.84
CA LYS H 43 9.35 3.64 -32.26
C LYS H 43 10.47 3.18 -31.34
N VAL H 44 10.24 3.20 -30.04
CA VAL H 44 11.27 2.74 -29.10
C VAL H 44 11.58 1.27 -29.33
N LEU H 45 10.56 0.46 -29.56
CA LEU H 45 10.77 -0.97 -29.81
C LEU H 45 11.59 -1.20 -31.07
N LYS H 46 11.31 -0.41 -32.11
CA LYS H 46 12.10 -0.49 -33.36
C LYS H 46 13.55 -0.12 -33.03
N GLN H 47 13.75 0.93 -32.23
CA GLN H 47 15.10 1.38 -31.92
C GLN H 47 15.90 0.33 -31.15
N VAL H 48 15.26 -0.36 -30.19
CA VAL H 48 16.00 -1.33 -29.40
C VAL H 48 16.02 -2.70 -30.09
N HIS H 49 14.93 -3.07 -30.76
CA HIS H 49 14.81 -4.36 -31.44
C HIS H 49 14.16 -4.16 -32.80
N PRO H 50 14.95 -3.92 -33.84
CA PRO H 50 14.35 -3.66 -35.16
C PRO H 50 13.73 -4.86 -35.83
N ASP H 51 13.92 -6.07 -35.28
CA ASP H 51 13.45 -7.29 -35.92
C ASP H 51 12.36 -8.00 -35.11
N THR H 52 11.75 -7.31 -34.14
CA THR H 52 10.68 -7.89 -33.35
C THR H 52 9.46 -6.98 -33.42
N GLY H 53 8.29 -7.57 -33.16
CA GLY H 53 7.04 -6.85 -33.15
C GLY H 53 6.36 -6.95 -31.79
N ILE H 54 5.29 -6.17 -31.65
CA ILE H 54 4.52 -6.11 -30.42
C ILE H 54 3.05 -6.29 -30.77
N SER H 55 2.37 -7.15 -30.00
CA SER H 55 0.96 -7.41 -30.25
C SER H 55 0.12 -6.28 -29.67
N SER H 56 -1.16 -6.28 -30.06
CA SER H 56 -2.07 -5.23 -29.60
C SER H 56 -2.28 -5.31 -28.10
N LYS H 57 -2.42 -6.52 -27.55
CA LYS H 57 -2.60 -6.68 -26.11
C LYS H 57 -1.36 -6.20 -25.36
N ALA H 58 -0.18 -6.59 -25.81
CA ALA H 58 1.04 -6.13 -25.18
C ALA H 58 1.22 -4.63 -25.36
N MET H 59 0.74 -4.09 -26.48
CA MET H 59 0.82 -2.66 -26.70
C MET H 59 -0.05 -1.91 -25.70
N GLY H 60 -1.25 -2.43 -25.43
CA GLY H 60 -2.08 -1.85 -24.40
C GLY H 60 -1.50 -1.99 -23.01
N ILE H 61 -0.81 -3.11 -22.75
CA ILE H 61 -0.13 -3.25 -21.46
C ILE H 61 0.97 -2.22 -21.32
N MET H 62 1.73 -1.97 -22.39
CA MET H 62 2.77 -0.95 -22.32
C MET H 62 2.18 0.44 -22.15
N ASN H 63 1.05 0.73 -22.81
CA ASN H 63 0.39 2.01 -22.60
C ASN H 63 -0.05 2.19 -21.16
N SER H 64 -0.66 1.15 -20.57
CA SER H 64 -1.07 1.23 -19.18
C SER H 64 0.12 1.35 -18.24
N PHE H 65 1.25 0.70 -18.55
CA PHE H 65 2.44 0.82 -17.72
C PHE H 65 3.00 2.24 -17.78
N VAL H 66 3.04 2.82 -18.98
CA VAL H 66 3.54 4.18 -19.12
C VAL H 66 2.63 5.15 -18.37
N ASN H 67 1.32 4.96 -18.46
CA ASN H 67 0.39 5.81 -17.72
C ASN H 67 0.57 5.63 -16.22
N ASP H 68 0.78 4.41 -15.76
CA ASP H 68 1.01 4.16 -14.34
C ASP H 68 2.24 4.88 -13.83
N ILE H 69 3.36 4.75 -14.54
CA ILE H 69 4.59 5.40 -14.11
C ILE H 69 4.45 6.91 -14.20
N PHE H 70 3.76 7.41 -15.22
CA PHE H 70 3.52 8.84 -15.33
C PHE H 70 2.75 9.36 -14.13
N GLU H 71 1.64 8.71 -13.80
CA GLU H 71 0.85 9.18 -12.66
C GLU H 71 1.63 9.06 -11.36
N ARG H 72 2.42 8.01 -11.20
CA ARG H 72 3.23 7.87 -9.99
C ARG H 72 4.23 9.00 -9.86
N ILE H 73 5.01 9.26 -10.91
CA ILE H 73 6.04 10.28 -10.84
C ILE H 73 5.43 11.67 -10.68
N ALA H 74 4.34 11.94 -11.42
CA ALA H 74 3.70 13.24 -11.32
C ALA H 74 3.07 13.45 -9.95
N GLY H 75 2.45 12.43 -9.37
CA GLY H 75 1.88 12.58 -8.04
C GLY H 75 2.95 12.79 -6.98
N GLU H 76 4.06 12.05 -7.08
CA GLU H 76 5.14 12.26 -6.11
C GLU H 76 5.76 13.64 -6.27
N ALA H 77 5.88 14.12 -7.51
CA ALA H 77 6.41 15.46 -7.72
C ALA H 77 5.45 16.53 -7.21
N SER H 78 4.14 16.31 -7.33
CA SER H 78 3.17 17.23 -6.76
C SER H 78 3.26 17.26 -5.24
N ARG H 79 3.41 16.08 -4.62
CA ARG H 79 3.59 16.03 -3.17
C ARG H 79 4.88 16.73 -2.76
N LEU H 80 5.95 16.54 -3.52
CA LEU H 80 7.21 17.21 -3.22
C LEU H 80 7.07 18.72 -3.34
N ALA H 81 6.32 19.19 -4.34
CA ALA H 81 6.09 20.62 -4.48
C ALA H 81 5.31 21.18 -3.31
N HIS H 82 4.25 20.48 -2.88
CA HIS H 82 3.44 21.00 -1.78
C HIS H 82 4.19 20.92 -0.45
N TYR H 83 5.04 19.90 -0.27
CA TYR H 83 5.79 19.73 1.00
C TYR H 83 6.68 20.94 1.24
N ASN H 84 7.38 21.41 0.20
CA ASN H 84 8.32 22.51 0.32
C ASN H 84 7.70 23.84 -0.03
N LYS H 85 6.37 23.94 -0.01
CA LYS H 85 5.62 25.17 -0.28
C LYS H 85 5.93 25.76 -1.65
N ARG H 86 6.46 24.97 -2.57
CA ARG H 86 6.68 25.44 -3.94
C ARG H 86 5.41 25.25 -4.75
N SER H 87 5.18 26.15 -5.69
CA SER H 87 4.01 26.11 -6.54
C SER H 87 4.37 25.73 -7.97
N THR H 88 5.48 25.02 -8.15
CA THR H 88 5.92 24.65 -9.49
C THR H 88 6.51 23.24 -9.45
N ILE H 89 6.40 22.55 -10.59
CA ILE H 89 7.07 21.27 -10.79
C ILE H 89 8.17 21.48 -11.81
N THR H 90 9.41 21.32 -11.39
CA THR H 90 10.58 21.48 -12.24
C THR H 90 11.30 20.14 -12.36
N SER H 91 12.43 20.17 -13.06
CA SER H 91 13.24 18.96 -13.19
C SER H 91 13.78 18.48 -11.86
N ARG H 92 13.92 19.37 -10.87
CA ARG H 92 14.40 18.96 -9.57
C ARG H 92 13.39 18.07 -8.86
N GLU H 93 12.12 18.46 -8.86
CA GLU H 93 11.09 17.64 -8.23
C GLU H 93 10.92 16.32 -8.96
N ILE H 94 10.97 16.33 -10.29
CA ILE H 94 10.85 15.10 -11.06
C ILE H 94 12.03 14.19 -10.77
N GLN H 95 13.23 14.75 -10.66
CA GLN H 95 14.41 13.95 -10.38
C GLN H 95 14.32 13.33 -8.99
N THR H 96 13.87 14.10 -8.00
CA THR H 96 13.71 13.56 -6.66
C THR H 96 12.64 12.48 -6.62
N ALA H 97 11.55 12.68 -7.36
CA ALA H 97 10.52 11.65 -7.43
C ALA H 97 11.04 10.38 -8.07
N VAL H 98 11.85 10.51 -9.12
CA VAL H 98 12.43 9.33 -9.76
C VAL H 98 13.36 8.62 -8.79
N ARG H 99 14.16 9.37 -8.02
CA ARG H 99 15.04 8.75 -7.05
C ARG H 99 14.27 8.07 -5.94
N LEU H 100 13.10 8.60 -5.57
CA LEU H 100 12.29 7.98 -4.52
C LEU H 100 11.62 6.71 -5.01
N LEU H 101 11.07 6.74 -6.23
CA LEU H 101 10.26 5.64 -6.72
C LEU H 101 11.09 4.49 -7.24
N LEU H 102 11.93 4.73 -8.24
CA LEU H 102 12.60 3.64 -8.93
C LEU H 102 13.70 3.06 -8.05
N PRO H 103 13.94 1.74 -8.12
CA PRO H 103 15.02 1.13 -7.33
C PRO H 103 16.41 1.51 -7.83
N GLY H 104 17.45 1.08 -7.12
CA GLY H 104 18.78 1.64 -7.21
C GLY H 104 19.40 1.81 -8.58
N GLU H 105 19.73 0.70 -9.25
CA GLU H 105 20.39 0.78 -10.59
C GLU H 105 19.41 1.42 -11.59
N LEU H 106 18.12 1.06 -11.52
CA LEU H 106 17.12 1.63 -12.42
C LEU H 106 16.96 3.13 -12.22
N ALA H 107 16.92 3.59 -10.97
CA ALA H 107 16.80 5.02 -10.71
C ALA H 107 18.06 5.77 -11.13
N LYS H 108 19.24 5.20 -10.92
CA LYS H 108 20.47 5.86 -11.35
C LYS H 108 20.49 6.05 -12.86
N HIS H 109 20.14 5.01 -13.60
CA HIS H 109 20.11 5.13 -15.06
C HIS H 109 19.03 6.10 -15.52
N ALA H 110 17.87 6.08 -14.87
CA ALA H 110 16.81 7.00 -15.28
C ALA H 110 17.20 8.44 -15.02
N VAL H 111 17.88 8.71 -13.90
CA VAL H 111 18.36 10.05 -13.62
C VAL H 111 19.39 10.47 -14.65
N SER H 112 20.28 9.55 -15.04
CA SER H 112 21.25 9.87 -16.08
C SER H 112 20.57 10.25 -17.39
N GLU H 113 19.59 9.45 -17.84
CA GLU H 113 18.91 9.76 -19.09
C GLU H 113 18.14 11.06 -19.00
N GLY H 114 17.48 11.32 -17.87
CA GLY H 114 16.73 12.55 -17.72
C GLY H 114 17.61 13.78 -17.75
N THR H 115 18.74 13.74 -17.03
CA THR H 115 19.66 14.87 -17.06
C THR H 115 20.25 15.07 -18.44
N LYS H 116 20.58 13.97 -19.13
CA LYS H 116 21.09 14.08 -20.50
C LYS H 116 20.09 14.77 -21.40
N ALA H 117 18.82 14.37 -21.33
CA ALA H 117 17.80 14.98 -22.16
C ALA H 117 17.59 16.44 -21.82
N VAL H 118 17.60 16.78 -20.52
CA VAL H 118 17.37 18.17 -20.13
C VAL H 118 18.52 19.05 -20.61
N THR H 119 19.77 18.60 -20.43
CA THR H 119 20.90 19.40 -20.90
C THR H 119 20.91 19.53 -22.41
N LYS H 120 20.55 18.44 -23.12
CA LYS H 120 20.48 18.51 -24.57
C LYS H 120 19.41 19.49 -25.03
N TYR H 121 18.26 19.49 -24.35
CA TYR H 121 17.19 20.42 -24.70
C TYR H 121 17.60 21.86 -24.43
N THR H 122 18.25 22.11 -23.30
CA THR H 122 18.60 23.48 -22.93
C THR H 122 19.71 24.02 -23.81
N SER H 123 20.72 23.19 -24.11
CA SER H 123 21.85 23.65 -24.91
C SER H 123 21.42 24.03 -26.32
N SER H 124 20.57 23.21 -26.94
CA SER H 124 20.09 23.48 -28.30
C SER H 124 19.04 24.59 -28.29
#